data_8IVA
#
_entry.id   8IVA
#
_cell.length_a   1.00
_cell.length_b   1.00
_cell.length_c   1.00
_cell.angle_alpha   90.00
_cell.angle_beta   90.00
_cell.angle_gamma   90.00
#
_symmetry.space_group_name_H-M   'P 1'
#
loop_
_entity.id
_entity.type
_entity.pdbx_description
1 polymer 'heavy chain of XMA01'
2 polymer 'light chain of XMA01'
3 polymer 'Spike protein S1'
4 polymer 'light chain of 3E2'
5 polymer 'heavy chain of 3E2'
6 branched 2-acetamido-2-deoxy-beta-D-glucopyranose-(1-4)-2-acetamido-2-deoxy-beta-D-glucopyranose
#
loop_
_entity_poly.entity_id
_entity_poly.type
_entity_poly.pdbx_seq_one_letter_code
_entity_poly.pdbx_strand_id
1 'polypeptide(L)'
;EVQLVESGGGLVQPGGSLRLSCSASGFTFSSYAMHWVRQAPGKGLEYVSSISSNGGSTYYADSVKGRFTISRDNSKNTLY
LQMSSLRVEDAAVYYCVKHYQQQLLWGGPDVWGQGTTVTVSS
;
C
2 'polypeptide(L)'
;DIQMTQSPVSLSASVGDRVTITCRASQSISTWLAWYQQKPGKAPKLLIYETSSLESGVPSRFSGSGSGTEFTLTISSLQP
DDFATYYCQQFNSYPWTFGQGTKVEIK
;
E
3 'polypeptide(L)'
;ESIVRFPNITNLCPFGEVFNATRFASVYAWNRKRISNCVADYSVLYNSASFSTFKCYGVSPTKLNDLCFTNVYADSFVIR
GDEVRQIAPGQTGKIADYNYKLPDDFTGCVIAWNSNNLDSKVGGNYNYLYRLFRKSNLKPFERDISTEIYQAGSTPCNGV
EGFNCYFPLQSYGFQPTNGVGYQPYRVVVLSFELLHAPATVCGP
;
G
4 'polypeptide(L)'
;QIVLTQSPAIMSASLGEEITLTCSVSSSVSDMHWYQQKSGTSPKVFIYSTSNLASGVPSRFSGSGSGTFYSLTISSVEAE
DAAYYYCHQWSSWTFGGGTKLEIK
;
L
5 'polypeptide(L)'
;EVMLVESGGGVVKPGGSLKLSCAASGFSFSTYAMSWIRQTPEKSLEWVAAISSGGTNTYYPGSVKGRFTISRDKAMNTLY
LQLSSLRSEDTAMYYCVRHSGNYVDSVMDYWGQGTSVTVSS
;
H
#
# COMPACT_ATOMS: atom_id res chain seq x y z
N GLU A 1 10.90 -16.67 -14.41
CA GLU A 1 9.83 -17.56 -13.98
C GLU A 1 10.23 -18.29 -12.71
N VAL A 2 9.59 -17.94 -11.60
CA VAL A 2 9.85 -18.60 -10.32
C VAL A 2 9.24 -19.99 -10.35
N GLN A 3 10.02 -20.98 -9.93
CA GLN A 3 9.56 -22.36 -9.91
C GLN A 3 10.31 -23.13 -8.84
N LEU A 4 9.60 -24.07 -8.21
CA LEU A 4 10.21 -24.99 -7.26
C LEU A 4 9.87 -26.41 -7.67
N VAL A 5 10.75 -27.34 -7.35
CA VAL A 5 10.57 -28.76 -7.65
C VAL A 5 11.32 -29.56 -6.60
N GLU A 6 10.78 -30.71 -6.22
CA GLU A 6 11.36 -31.57 -5.20
C GLU A 6 11.60 -32.96 -5.77
N SER A 7 12.48 -33.70 -5.09
CA SER A 7 12.73 -35.10 -5.44
C SER A 7 12.80 -35.93 -4.17
N GLY A 8 13.23 -37.18 -4.29
CA GLY A 8 13.25 -38.05 -3.13
C GLY A 8 11.94 -38.80 -2.98
N GLY A 9 11.56 -39.01 -1.72
CA GLY A 9 10.29 -39.63 -1.42
C GLY A 9 10.31 -41.13 -1.58
N GLY A 10 9.20 -41.75 -1.19
CA GLY A 10 9.07 -43.19 -1.29
C GLY A 10 8.39 -43.81 -0.10
N LEU A 11 8.99 -44.86 0.45
CA LEU A 11 8.44 -45.57 1.59
C LEU A 11 9.54 -45.80 2.62
N VAL A 12 9.13 -46.05 3.87
CA VAL A 12 10.05 -46.34 4.96
C VAL A 12 9.27 -47.05 6.07
N GLN A 13 9.93 -47.99 6.73
CA GLN A 13 9.38 -48.66 7.88
C GLN A 13 9.37 -47.72 9.08
N PRO A 14 8.48 -47.95 10.06
CA PRO A 14 8.47 -47.08 11.25
C PRO A 14 9.75 -47.19 12.06
N GLY A 15 10.36 -46.03 12.29
CA GLY A 15 11.66 -45.97 12.92
C GLY A 15 12.82 -45.76 11.98
N GLY A 16 12.56 -45.70 10.67
CA GLY A 16 13.61 -45.52 9.68
C GLY A 16 14.01 -44.08 9.52
N SER A 17 14.48 -43.75 8.32
CA SER A 17 14.98 -42.42 8.03
C SER A 17 14.78 -42.10 6.56
N LEU A 18 14.73 -40.80 6.26
CA LEU A 18 14.60 -40.30 4.89
C LEU A 18 15.06 -38.85 4.86
N ARG A 19 15.83 -38.50 3.84
CA ARG A 19 16.20 -37.12 3.58
C ARG A 19 15.48 -36.65 2.32
N LEU A 20 14.81 -35.51 2.40
CA LEU A 20 14.12 -34.94 1.25
C LEU A 20 14.96 -33.81 0.66
N SER A 21 14.55 -33.34 -0.52
CA SER A 21 15.31 -32.30 -1.19
C SER A 21 14.35 -31.36 -1.91
N CYS A 22 14.64 -30.06 -1.81
CA CYS A 22 13.84 -29.02 -2.48
C CYS A 22 14.82 -28.16 -3.26
N SER A 23 14.95 -28.44 -4.56
CA SER A 23 15.84 -27.69 -5.43
C SER A 23 15.07 -26.60 -6.16
N ALA A 24 15.47 -25.36 -5.92
CA ALA A 24 14.77 -24.20 -6.47
C ALA A 24 15.68 -23.42 -7.39
N SER A 25 15.08 -22.84 -8.43
CA SER A 25 15.80 -22.02 -9.38
C SER A 25 14.84 -21.02 -10.00
N GLY A 26 15.35 -19.83 -10.28
CA GLY A 26 14.56 -18.76 -10.86
C GLY A 26 14.47 -17.51 -10.01
N PHE A 27 15.08 -17.48 -8.83
CA PHE A 27 15.01 -16.32 -7.96
C PHE A 27 16.26 -16.28 -7.09
N THR A 28 16.35 -15.24 -6.27
CA THR A 28 17.43 -15.14 -5.30
C THR A 28 17.16 -16.09 -4.15
N PHE A 29 17.98 -17.13 -4.01
CA PHE A 29 17.68 -18.19 -3.06
C PHE A 29 18.04 -17.80 -1.63
N SER A 30 19.08 -16.99 -1.45
CA SER A 30 19.57 -16.64 -0.13
C SER A 30 18.73 -15.57 0.55
N SER A 31 17.93 -14.82 -0.19
CA SER A 31 17.12 -13.76 0.36
C SER A 31 15.67 -14.15 0.57
N TYR A 32 15.34 -15.43 0.40
CA TYR A 32 13.96 -15.89 0.49
C TYR A 32 13.92 -17.15 1.35
N ALA A 33 13.44 -17.00 2.58
CA ALA A 33 13.30 -18.11 3.49
C ALA A 33 12.18 -19.01 3.02
N MET A 34 12.32 -20.32 3.28
CA MET A 34 11.37 -21.28 2.76
C MET A 34 10.94 -22.25 3.85
N HIS A 35 9.76 -22.82 3.68
CA HIS A 35 9.15 -23.69 4.67
C HIS A 35 8.58 -24.94 3.99
N TRP A 36 8.35 -25.96 4.82
CA TRP A 36 7.66 -27.17 4.42
C TRP A 36 6.28 -27.18 5.04
N VAL A 37 5.31 -27.75 4.34
CA VAL A 37 3.94 -27.95 4.82
C VAL A 37 3.46 -29.29 4.31
N ARG A 38 2.91 -30.11 5.20
CA ARG A 38 2.53 -31.46 4.83
C ARG A 38 1.02 -31.62 4.81
N GLN A 39 0.57 -32.69 4.17
CA GLN A 39 -0.85 -32.96 4.01
C GLN A 39 -1.05 -34.46 3.91
N ALA A 40 -1.67 -35.04 4.94
CA ALA A 40 -2.05 -36.44 4.92
C ALA A 40 -3.09 -36.67 3.82
N PRO A 41 -3.06 -37.83 3.14
CA PRO A 41 -3.92 -38.03 1.97
C PRO A 41 -5.38 -38.17 2.36
N GLY A 42 -6.23 -37.38 1.73
CA GLY A 42 -7.64 -37.36 2.07
C GLY A 42 -7.98 -36.51 3.26
N LYS A 43 -7.03 -35.73 3.77
CA LYS A 43 -7.24 -34.88 4.94
C LYS A 43 -6.86 -33.45 4.59
N GLY A 44 -6.91 -32.58 5.61
CA GLY A 44 -6.56 -31.19 5.41
C GLY A 44 -5.06 -30.96 5.37
N LEU A 45 -4.69 -29.69 5.33
CA LEU A 45 -3.28 -29.33 5.30
C LEU A 45 -2.73 -29.25 6.71
N GLU A 46 -1.43 -28.99 6.81
CA GLU A 46 -0.73 -28.98 8.08
C GLU A 46 0.61 -28.28 7.88
N TYR A 47 1.12 -27.68 8.96
CA TYR A 47 2.42 -27.02 8.93
C TYR A 47 3.43 -27.83 9.74
N VAL A 48 4.66 -27.94 9.23
CA VAL A 48 5.65 -28.84 9.81
C VAL A 48 6.96 -28.14 10.14
N SER A 49 7.54 -27.41 9.20
CA SER A 49 8.92 -26.96 9.40
C SER A 49 9.18 -25.66 8.65
N SER A 50 10.33 -25.06 8.93
CA SER A 50 10.74 -23.79 8.32
C SER A 50 12.23 -23.58 8.57
N ILE A 51 12.76 -22.51 7.98
CA ILE A 51 14.15 -22.09 8.20
C ILE A 51 14.24 -20.61 7.86
N SER A 52 15.26 -19.95 8.40
CA SER A 52 15.48 -18.52 8.15
C SER A 52 16.22 -18.33 6.83
N SER A 53 16.67 -17.10 6.60
CA SER A 53 17.27 -16.73 5.32
C SER A 53 18.64 -17.33 5.10
N ASN A 54 19.41 -17.61 6.15
CA ASN A 54 20.76 -18.14 6.02
C ASN A 54 20.98 -19.37 6.89
N GLY A 55 19.92 -20.06 7.27
CA GLY A 55 20.05 -21.17 8.19
C GLY A 55 20.25 -20.78 9.63
N GLY A 56 20.03 -19.51 9.98
CA GLY A 56 20.25 -19.04 11.34
C GLY A 56 19.23 -19.56 12.32
N SER A 57 17.95 -19.32 12.06
CA SER A 57 16.88 -19.68 12.97
C SER A 57 15.92 -20.65 12.33
N THR A 58 15.49 -21.65 13.09
CA THR A 58 14.46 -22.60 12.67
C THR A 58 13.34 -22.59 13.68
N TYR A 59 12.15 -22.95 13.22
CA TYR A 59 10.99 -23.11 14.10
C TYR A 59 10.06 -24.15 13.50
N TYR A 60 9.83 -25.22 14.24
CA TYR A 60 8.92 -26.26 13.82
C TYR A 60 7.65 -26.19 14.66
N ALA A 61 6.64 -26.95 14.25
CA ALA A 61 5.47 -27.11 15.08
C ALA A 61 5.82 -28.01 16.26
N ASP A 62 5.06 -27.89 17.35
CA ASP A 62 5.41 -28.63 18.56
C ASP A 62 5.05 -30.11 18.42
N SER A 63 4.18 -30.45 17.49
CA SER A 63 3.73 -31.83 17.33
C SER A 63 4.73 -32.70 16.58
N VAL A 64 5.79 -32.12 16.00
CA VAL A 64 6.68 -32.87 15.13
C VAL A 64 8.12 -32.68 15.62
N LYS A 65 8.36 -31.58 16.34
CA LYS A 65 9.74 -31.14 16.58
C LYS A 65 10.48 -32.06 17.53
N GLY A 66 11.81 -31.99 17.47
CA GLY A 66 12.66 -32.94 18.14
C GLY A 66 13.06 -34.12 17.30
N ARG A 67 12.14 -34.69 16.54
CA ARG A 67 12.46 -35.78 15.63
C ARG A 67 12.88 -35.32 14.25
N PHE A 68 12.74 -34.04 13.94
CA PHE A 68 13.07 -33.51 12.63
C PHE A 68 14.27 -32.57 12.72
N THR A 69 14.87 -32.32 11.57
CA THR A 69 15.86 -31.28 11.42
C THR A 69 15.81 -30.81 9.97
N ILE A 70 16.10 -29.53 9.75
CA ILE A 70 16.08 -28.94 8.42
C ILE A 70 17.48 -28.40 8.14
N SER A 71 17.83 -28.31 6.86
CA SER A 71 19.09 -27.73 6.44
C SER A 71 18.96 -27.22 5.02
N ARG A 72 19.72 -26.19 4.70
CA ARG A 72 19.72 -25.62 3.36
C ARG A 72 21.15 -25.30 2.96
N ASP A 73 21.34 -24.99 1.68
CA ASP A 73 22.67 -24.71 1.14
C ASP A 73 22.54 -23.61 0.11
N ASN A 74 23.04 -22.43 0.44
CA ASN A 74 22.94 -21.27 -0.46
C ASN A 74 23.85 -21.38 -1.67
N SER A 75 24.85 -22.26 -1.62
CA SER A 75 25.76 -22.42 -2.74
C SER A 75 25.30 -23.46 -3.75
N LYS A 76 24.28 -24.25 -3.39
CA LYS A 76 23.82 -25.32 -4.26
C LYS A 76 22.37 -25.15 -4.70
N ASN A 77 21.68 -24.10 -4.25
CA ASN A 77 20.27 -23.82 -4.55
C ASN A 77 19.35 -24.97 -4.17
N THR A 78 19.65 -25.60 -3.03
CA THR A 78 18.87 -26.74 -2.56
C THR A 78 18.43 -26.51 -1.12
N LEU A 79 17.37 -27.21 -0.74
CA LEU A 79 16.87 -27.22 0.63
C LEU A 79 16.61 -28.67 1.02
N TYR A 80 17.14 -29.10 2.16
CA TYR A 80 17.03 -30.48 2.60
C TYR A 80 16.08 -30.57 3.79
N LEU A 81 15.41 -31.71 3.91
CA LEU A 81 14.57 -32.01 5.07
C LEU A 81 14.94 -33.40 5.57
N GLN A 82 15.79 -33.47 6.57
CA GLN A 82 16.28 -34.74 7.10
C GLN A 82 15.34 -35.24 8.19
N MET A 83 14.74 -36.39 7.95
CA MET A 83 13.80 -36.99 8.89
C MET A 83 14.44 -38.18 9.58
N SER A 84 14.09 -38.36 10.85
CA SER A 84 14.52 -39.50 11.64
C SER A 84 13.46 -39.79 12.68
N SER A 85 13.47 -41.02 13.19
CA SER A 85 12.46 -41.58 14.10
C SER A 85 11.05 -41.41 13.51
N LEU A 86 10.86 -42.04 12.37
CA LEU A 86 9.62 -41.87 11.62
C LEU A 86 8.49 -42.67 12.26
N ARG A 87 7.27 -42.22 12.02
CA ARG A 87 6.08 -42.83 12.59
C ARG A 87 5.03 -42.99 11.50
N VAL A 88 3.80 -43.32 11.91
CA VAL A 88 2.72 -43.52 10.95
C VAL A 88 2.01 -42.23 10.59
N GLU A 89 2.12 -41.19 11.42
CA GLU A 89 1.39 -39.96 11.19
C GLU A 89 2.05 -39.06 10.16
N ASP A 90 3.26 -39.42 9.71
CA ASP A 90 4.00 -38.59 8.77
C ASP A 90 3.82 -39.03 7.33
N ALA A 91 2.94 -39.99 7.08
CA ALA A 91 2.72 -40.54 5.74
C ALA A 91 1.95 -39.52 4.92
N ALA A 92 2.66 -38.61 4.27
CA ALA A 92 2.02 -37.45 3.68
C ALA A 92 2.87 -36.94 2.53
N VAL A 93 2.29 -36.04 1.73
CA VAL A 93 3.02 -35.32 0.71
C VAL A 93 3.58 -34.06 1.35
N TYR A 94 4.75 -33.64 0.89
CA TYR A 94 5.53 -32.62 1.59
C TYR A 94 5.87 -31.49 0.62
N TYR A 95 4.99 -30.48 0.54
CA TYR A 95 5.20 -29.36 -0.35
C TYR A 95 6.31 -28.45 0.16
N CYS A 96 6.79 -27.58 -0.73
CA CYS A 96 7.89 -26.66 -0.45
C CYS A 96 7.47 -25.27 -0.90
N VAL A 97 7.33 -24.36 0.05
CA VAL A 97 6.82 -23.02 -0.24
C VAL A 97 7.96 -22.02 -0.16
N LYS A 98 7.72 -20.77 -0.52
CA LYS A 98 8.72 -19.73 -0.37
C LYS A 98 8.03 -18.42 -0.04
N HIS A 99 8.82 -17.46 0.45
CA HIS A 99 8.24 -16.23 0.97
C HIS A 99 7.88 -15.24 -0.12
N TYR A 100 6.94 -14.37 0.22
CA TYR A 100 6.60 -13.19 -0.56
C TYR A 100 7.55 -12.03 -0.31
N GLN A 101 8.17 -12.00 0.86
CA GLN A 101 9.03 -10.91 1.31
C GLN A 101 10.50 -11.29 1.20
N GLN A 102 11.35 -10.46 1.78
CA GLN A 102 12.79 -10.69 1.83
C GLN A 102 13.32 -10.43 3.24
N GLN A 103 13.87 -11.47 3.87
CA GLN A 103 14.70 -11.37 5.08
C GLN A 103 13.97 -10.77 6.28
N LEU A 104 12.69 -11.05 6.40
CA LEU A 104 11.95 -10.49 7.53
C LEU A 104 11.06 -11.48 8.26
N LEU A 105 10.67 -12.58 7.61
CA LEU A 105 10.07 -13.78 8.23
C LEU A 105 8.68 -13.56 8.84
N TRP A 106 8.10 -12.35 8.82
CA TRP A 106 6.87 -12.15 9.58
C TRP A 106 5.62 -12.36 8.75
N GLY A 107 5.67 -13.21 7.72
CA GLY A 107 4.44 -13.66 7.13
C GLY A 107 4.39 -13.70 5.61
N GLY A 108 3.55 -14.57 5.07
CA GLY A 108 3.26 -14.60 3.66
C GLY A 108 4.05 -15.64 2.89
N PRO A 109 3.37 -16.69 2.44
CA PRO A 109 3.97 -17.57 1.44
C PRO A 109 3.63 -17.07 0.04
N ASP A 110 4.45 -17.40 -0.95
CA ASP A 110 4.28 -16.84 -2.29
C ASP A 110 3.88 -17.88 -3.32
N VAL A 111 4.69 -18.92 -3.54
CA VAL A 111 4.38 -19.97 -4.50
C VAL A 111 4.68 -21.30 -3.86
N TRP A 112 3.97 -22.33 -4.33
CA TRP A 112 4.04 -23.65 -3.74
C TRP A 112 4.67 -24.63 -4.72
N GLY A 113 5.25 -25.69 -4.18
CA GLY A 113 5.99 -26.64 -5.00
C GLY A 113 5.11 -27.63 -5.72
N GLN A 114 5.59 -28.87 -5.86
CA GLN A 114 4.79 -29.93 -6.44
C GLN A 114 4.59 -31.12 -5.53
N GLY A 115 5.41 -31.27 -4.50
CA GLY A 115 5.23 -32.34 -3.54
C GLY A 115 5.75 -33.67 -4.02
N THR A 116 6.16 -34.52 -3.08
CA THR A 116 6.62 -35.86 -3.38
C THR A 116 6.10 -36.79 -2.31
N THR A 117 5.46 -37.88 -2.72
CA THR A 117 4.71 -38.72 -1.81
C THR A 117 5.63 -39.49 -0.87
N VAL A 118 5.46 -39.25 0.42
CA VAL A 118 6.12 -40.02 1.47
C VAL A 118 5.06 -40.78 2.24
N THR A 119 5.25 -42.09 2.33
CA THR A 119 4.32 -42.96 3.05
C THR A 119 5.09 -43.99 3.86
N VAL A 120 4.41 -44.65 4.77
CA VAL A 120 5.02 -45.64 5.64
C VAL A 120 4.18 -46.92 5.57
N SER A 121 4.85 -48.06 5.69
CA SER A 121 4.19 -49.36 5.60
C SER A 121 5.09 -50.39 6.28
N SER A 122 4.79 -51.66 6.06
CA SER A 122 5.60 -52.75 6.58
C SER A 122 5.68 -53.89 5.58
N ASP B 1 -1.26 -21.25 18.01
CA ASP B 1 -2.19 -22.30 17.58
C ASP B 1 -3.62 -21.77 17.51
N ILE B 2 -3.88 -20.99 16.46
CA ILE B 2 -5.20 -20.41 16.25
C ILE B 2 -5.96 -21.31 15.28
N GLN B 3 -6.75 -22.23 15.81
CA GLN B 3 -7.53 -23.11 14.94
C GLN B 3 -8.67 -22.33 14.30
N MET B 4 -8.86 -22.50 12.99
CA MET B 4 -9.80 -21.71 12.23
C MET B 4 -10.94 -22.60 11.75
N THR B 5 -12.17 -22.11 11.88
CA THR B 5 -13.35 -22.82 11.43
C THR B 5 -13.72 -22.32 10.04
N GLN B 6 -13.75 -23.22 9.08
CA GLN B 6 -14.15 -22.91 7.72
C GLN B 6 -15.50 -23.54 7.44
N SER B 7 -16.47 -22.71 7.10
CA SER B 7 -17.86 -23.13 6.97
C SER B 7 -18.48 -22.47 5.75
N PRO B 8 -19.35 -23.17 5.01
CA PRO B 8 -19.82 -24.54 5.18
C PRO B 8 -18.82 -25.57 4.66
N VAL B 9 -18.87 -26.79 5.20
CA VAL B 9 -17.85 -27.79 4.88
C VAL B 9 -18.07 -28.35 3.47
N SER B 10 -19.32 -28.33 2.99
CA SER B 10 -19.62 -28.85 1.66
C SER B 10 -20.91 -28.22 1.16
N LEU B 11 -20.91 -27.86 -0.11
CA LEU B 11 -22.09 -27.28 -0.74
C LEU B 11 -22.02 -27.52 -2.24
N SER B 12 -23.11 -27.21 -2.91
CA SER B 12 -23.18 -27.23 -4.37
C SER B 12 -23.73 -25.89 -4.84
N ALA B 13 -23.32 -25.46 -6.03
CA ALA B 13 -23.77 -24.20 -6.59
C ALA B 13 -23.62 -24.28 -8.11
N SER B 14 -24.63 -23.80 -8.82
CA SER B 14 -24.64 -23.89 -10.28
C SER B 14 -23.86 -22.72 -10.88
N VAL B 15 -23.78 -22.70 -12.21
CA VAL B 15 -22.99 -21.70 -12.93
C VAL B 15 -23.72 -20.37 -12.87
N GLY B 16 -23.02 -19.33 -12.40
CA GLY B 16 -23.57 -17.99 -12.37
C GLY B 16 -24.10 -17.58 -11.00
N ASP B 17 -23.89 -18.44 -10.01
CA ASP B 17 -24.33 -18.18 -8.65
C ASP B 17 -23.23 -17.41 -7.93
N ARG B 18 -23.65 -16.54 -7.02
CA ARG B 18 -22.73 -15.79 -6.16
C ARG B 18 -22.57 -16.60 -4.88
N VAL B 19 -21.42 -17.24 -4.72
CA VAL B 19 -21.17 -18.09 -3.57
C VAL B 19 -20.29 -17.32 -2.59
N THR B 20 -20.49 -17.60 -1.30
CA THR B 20 -19.70 -17.00 -0.23
C THR B 20 -19.21 -18.08 0.72
N ILE B 21 -17.90 -18.12 0.91
CA ILE B 21 -17.26 -19.04 1.84
C ILE B 21 -16.58 -18.21 2.92
N THR B 22 -16.93 -18.46 4.17
CA THR B 22 -16.40 -17.68 5.28
C THR B 22 -15.45 -18.53 6.13
N CYS B 23 -14.46 -17.88 6.70
CA CYS B 23 -13.44 -18.54 7.53
C CYS B 23 -13.25 -17.69 8.77
N ARG B 24 -13.46 -18.29 9.94
CA ARG B 24 -13.50 -17.57 11.21
C ARG B 24 -12.48 -18.15 12.16
N ALA B 25 -11.68 -17.28 12.77
CA ALA B 25 -10.65 -17.68 13.73
C ALA B 25 -11.18 -17.57 15.15
N SER B 26 -10.37 -18.05 16.09
CA SER B 26 -10.67 -17.88 17.51
C SER B 26 -9.97 -16.64 18.05
N GLN B 27 -8.65 -16.60 17.94
CA GLN B 27 -7.89 -15.41 18.31
C GLN B 27 -7.89 -14.44 17.14
N SER B 28 -8.12 -13.16 17.45
CA SER B 28 -8.28 -12.14 16.42
C SER B 28 -6.94 -11.82 15.77
N ILE B 29 -6.76 -12.32 14.54
CA ILE B 29 -5.62 -11.95 13.72
C ILE B 29 -5.90 -10.60 13.10
N SER B 30 -4.87 -9.95 12.55
CA SER B 30 -5.04 -8.59 12.02
C SER B 30 -4.69 -8.63 10.54
N THR B 31 -5.71 -8.88 9.70
CA THR B 31 -5.69 -8.89 8.23
C THR B 31 -4.50 -9.65 7.61
N TRP B 32 -4.03 -10.68 8.32
CA TRP B 32 -3.03 -11.61 7.78
C TRP B 32 -3.74 -12.93 7.51
N LEU B 33 -4.24 -13.08 6.29
CA LEU B 33 -4.93 -14.30 5.89
C LEU B 33 -4.76 -14.48 4.40
N ALA B 34 -4.64 -15.73 3.97
CA ALA B 34 -4.55 -16.07 2.56
C ALA B 34 -5.44 -17.26 2.24
N TRP B 35 -6.04 -17.23 1.07
CA TRP B 35 -6.85 -18.31 0.57
C TRP B 35 -6.02 -19.17 -0.38
N TYR B 36 -6.62 -20.26 -0.84
CA TYR B 36 -5.96 -21.16 -1.78
C TYR B 36 -7.02 -21.83 -2.65
N GLN B 37 -6.56 -22.47 -3.72
CA GLN B 37 -7.44 -23.27 -4.56
C GLN B 37 -6.68 -24.53 -4.94
N GLN B 38 -7.19 -25.68 -4.52
CA GLN B 38 -6.51 -26.95 -4.70
C GLN B 38 -7.34 -27.79 -5.66
N LYS B 39 -6.91 -27.85 -6.91
CA LYS B 39 -7.48 -28.80 -7.85
C LYS B 39 -7.16 -30.22 -7.39
N PRO B 40 -8.10 -31.16 -7.52
CA PRO B 40 -7.90 -32.49 -6.94
C PRO B 40 -6.87 -33.28 -7.74
N GLY B 41 -5.68 -33.42 -7.19
CA GLY B 41 -4.62 -34.16 -7.84
C GLY B 41 -3.28 -33.46 -7.89
N LYS B 42 -3.22 -32.19 -7.49
CA LYS B 42 -1.96 -31.46 -7.57
C LYS B 42 -1.90 -30.43 -6.46
N ALA B 43 -0.95 -29.51 -6.56
CA ALA B 43 -0.58 -28.58 -5.53
C ALA B 43 -1.58 -27.44 -5.42
N PRO B 44 -1.69 -26.80 -4.25
CA PRO B 44 -2.54 -25.61 -4.13
C PRO B 44 -1.92 -24.43 -4.85
N LYS B 45 -2.76 -23.40 -5.06
CA LYS B 45 -2.36 -22.19 -5.76
C LYS B 45 -2.78 -20.98 -4.95
N LEU B 46 -1.89 -20.01 -4.81
CA LEU B 46 -2.19 -18.83 -4.01
C LEU B 46 -3.07 -17.86 -4.77
N LEU B 47 -4.32 -17.70 -4.32
CA LEU B 47 -5.28 -16.84 -4.99
C LEU B 47 -5.39 -15.47 -4.34
N ILE B 48 -5.73 -15.43 -3.06
CA ILE B 48 -5.88 -14.19 -2.32
C ILE B 48 -4.80 -14.13 -1.27
N TYR B 49 -4.17 -12.97 -1.14
CA TYR B 49 -3.10 -12.77 -0.17
C TYR B 49 -3.38 -11.49 0.59
N GLU B 50 -3.10 -11.52 1.90
CA GLU B 50 -3.22 -10.36 2.81
C GLU B 50 -4.66 -9.85 2.88
N THR B 51 -5.61 -10.79 2.74
CA THR B 51 -7.05 -10.69 3.02
C THR B 51 -7.80 -9.84 1.99
N SER B 52 -7.09 -9.05 1.18
CA SER B 52 -7.77 -8.28 0.14
C SER B 52 -7.04 -8.32 -1.20
N SER B 53 -5.72 -8.49 -1.16
CA SER B 53 -4.90 -8.28 -2.35
C SER B 53 -5.02 -9.49 -3.27
N LEU B 54 -5.55 -9.27 -4.46
CA LEU B 54 -5.66 -10.33 -5.45
C LEU B 54 -4.30 -10.58 -6.08
N GLU B 55 -3.87 -11.84 -6.09
CA GLU B 55 -2.58 -12.18 -6.68
C GLU B 55 -2.66 -12.11 -8.20
N SER B 56 -1.52 -11.84 -8.83
CA SER B 56 -1.46 -11.64 -10.27
C SER B 56 -1.74 -12.94 -11.01
N GLY B 57 -2.31 -12.80 -12.21
CA GLY B 57 -2.66 -13.95 -13.03
C GLY B 57 -3.96 -14.62 -12.67
N VAL B 58 -4.60 -14.22 -11.57
CA VAL B 58 -5.83 -14.85 -11.09
C VAL B 58 -6.99 -14.10 -11.75
N PRO B 59 -8.03 -14.82 -12.16
CA PRO B 59 -9.26 -14.14 -12.60
C PRO B 59 -9.87 -13.30 -11.50
N SER B 60 -10.27 -12.09 -11.88
CA SER B 60 -10.65 -11.04 -10.93
C SER B 60 -12.03 -11.24 -10.33
N ARG B 61 -12.74 -12.31 -10.69
CA ARG B 61 -14.02 -12.60 -10.04
C ARG B 61 -13.85 -13.06 -8.61
N PHE B 62 -12.67 -13.54 -8.23
CA PHE B 62 -12.37 -13.82 -6.84
C PHE B 62 -12.11 -12.52 -6.10
N SER B 63 -12.63 -12.42 -4.88
CA SER B 63 -12.48 -11.20 -4.10
C SER B 63 -12.64 -11.53 -2.64
N GLY B 64 -11.56 -11.35 -1.87
CA GLY B 64 -11.63 -11.53 -0.45
C GLY B 64 -11.99 -10.26 0.27
N SER B 65 -12.63 -10.43 1.42
CA SER B 65 -13.11 -9.30 2.20
C SER B 65 -12.94 -9.61 3.68
N GLY B 66 -13.54 -8.78 4.52
CA GLY B 66 -13.58 -9.05 5.94
C GLY B 66 -12.37 -8.57 6.72
N SER B 67 -12.59 -8.27 8.00
CA SER B 67 -11.52 -7.85 8.89
C SER B 67 -11.93 -8.18 10.32
N GLY B 68 -10.95 -8.39 11.19
CA GLY B 68 -11.23 -8.69 12.58
C GLY B 68 -11.05 -10.14 12.94
N THR B 69 -12.14 -10.82 13.30
CA THR B 69 -12.05 -12.24 13.64
C THR B 69 -12.45 -13.12 12.46
N GLU B 70 -13.55 -12.78 11.80
CA GLU B 70 -14.06 -13.59 10.71
C GLU B 70 -13.75 -12.94 9.37
N PHE B 71 -13.58 -13.77 8.35
CA PHE B 71 -13.16 -13.36 7.03
C PHE B 71 -13.92 -14.16 5.99
N THR B 72 -14.23 -13.53 4.87
CA THR B 72 -15.10 -14.12 3.87
C THR B 72 -14.49 -13.98 2.47
N LEU B 73 -14.64 -15.04 1.68
CA LEU B 73 -14.32 -15.01 0.26
C LEU B 73 -15.64 -15.04 -0.50
N THR B 74 -15.66 -14.44 -1.69
CA THR B 74 -16.84 -14.53 -2.55
C THR B 74 -16.46 -14.56 -4.01
N ILE B 75 -17.29 -15.23 -4.80
CA ILE B 75 -17.11 -15.36 -6.24
C ILE B 75 -18.35 -14.80 -6.90
N SER B 76 -18.18 -13.99 -7.94
CA SER B 76 -19.31 -13.29 -8.54
C SER B 76 -20.19 -14.23 -9.35
N SER B 77 -19.63 -14.84 -10.39
CA SER B 77 -20.34 -15.82 -11.21
C SER B 77 -19.46 -17.04 -11.36
N LEU B 78 -19.93 -18.17 -10.84
CA LEU B 78 -19.08 -19.35 -10.75
C LEU B 78 -18.86 -19.98 -12.12
N GLN B 79 -17.61 -20.28 -12.42
CA GLN B 79 -17.17 -20.75 -13.72
C GLN B 79 -16.91 -22.24 -13.65
N PRO B 80 -17.00 -22.96 -14.79
CA PRO B 80 -16.81 -24.42 -14.75
C PRO B 80 -15.36 -24.87 -14.56
N ASP B 81 -14.41 -23.97 -14.33
CA ASP B 81 -13.07 -24.35 -13.93
C ASP B 81 -12.79 -23.97 -12.48
N ASP B 82 -13.81 -24.02 -11.62
CA ASP B 82 -13.68 -23.64 -10.21
C ASP B 82 -14.33 -24.64 -9.28
N PHE B 83 -14.37 -25.91 -9.66
CA PHE B 83 -15.00 -26.94 -8.82
C PHE B 83 -13.96 -27.59 -7.89
N ALA B 84 -13.21 -26.74 -7.21
CA ALA B 84 -12.14 -27.22 -6.36
C ALA B 84 -12.47 -26.89 -4.91
N THR B 85 -11.52 -27.18 -4.03
CA THR B 85 -11.66 -26.85 -2.63
C THR B 85 -10.84 -25.61 -2.31
N TYR B 86 -11.35 -24.80 -1.37
CA TYR B 86 -10.73 -23.53 -1.02
C TYR B 86 -10.36 -23.54 0.46
N TYR B 87 -9.08 -23.55 0.74
CA TYR B 87 -8.57 -23.52 2.10
C TYR B 87 -8.24 -22.09 2.50
N CYS B 88 -8.41 -21.79 3.78
CA CYS B 88 -7.98 -20.52 4.35
C CYS B 88 -6.80 -20.78 5.27
N GLN B 89 -5.95 -19.77 5.44
CA GLN B 89 -4.74 -19.93 6.23
C GLN B 89 -4.37 -18.61 6.86
N GLN B 90 -4.11 -18.62 8.16
CA GLN B 90 -3.59 -17.44 8.85
C GLN B 90 -2.07 -17.45 8.83
N PHE B 91 -1.49 -16.26 8.94
CA PHE B 91 -0.05 -16.20 9.18
C PHE B 91 0.31 -15.06 10.13
N ASN B 92 -0.59 -14.72 11.05
CA ASN B 92 -0.26 -13.73 12.06
C ASN B 92 0.65 -14.34 13.11
N SER B 93 0.16 -15.35 13.82
CA SER B 93 1.01 -16.14 14.68
C SER B 93 1.76 -17.14 13.81
N TYR B 94 3.01 -17.42 14.18
CA TYR B 94 3.83 -18.18 13.25
C TYR B 94 3.51 -19.67 13.12
N PRO B 95 3.03 -20.38 14.14
CA PRO B 95 2.44 -21.70 13.82
C PRO B 95 1.23 -21.58 12.91
N TRP B 96 1.40 -22.01 11.66
CA TRP B 96 0.37 -21.82 10.63
C TRP B 96 -0.69 -22.90 10.78
N THR B 97 -1.95 -22.49 10.88
CA THR B 97 -3.06 -23.41 10.98
C THR B 97 -3.97 -23.18 9.80
N PHE B 98 -4.09 -24.17 8.93
CA PHE B 98 -4.89 -24.03 7.74
C PHE B 98 -6.36 -24.33 8.04
N GLY B 99 -7.19 -24.24 7.01
CA GLY B 99 -8.61 -24.41 7.16
C GLY B 99 -9.03 -25.87 7.27
N GLN B 100 -10.22 -26.14 6.76
CA GLN B 100 -10.77 -27.49 6.82
C GLN B 100 -11.03 -28.07 5.44
N GLY B 101 -11.67 -27.31 4.57
CA GLY B 101 -11.96 -27.74 3.22
C GLY B 101 -13.41 -27.51 2.84
N THR B 102 -13.61 -27.29 1.53
CA THR B 102 -14.94 -27.01 0.99
C THR B 102 -15.04 -27.66 -0.39
N LYS B 103 -15.56 -28.89 -0.44
CA LYS B 103 -15.67 -29.62 -1.70
C LYS B 103 -16.84 -29.08 -2.51
N VAL B 104 -16.57 -28.12 -3.39
CA VAL B 104 -17.60 -27.47 -4.20
C VAL B 104 -17.81 -28.31 -5.46
N GLU B 105 -18.75 -29.25 -5.40
CA GLU B 105 -19.15 -30.02 -6.57
C GLU B 105 -20.31 -29.30 -7.25
N ILE B 106 -20.16 -29.04 -8.54
CA ILE B 106 -21.15 -28.25 -9.29
C ILE B 106 -22.29 -29.17 -9.70
N LYS B 107 -23.50 -28.83 -9.27
CA LYS B 107 -24.70 -29.52 -9.76
C LYS B 107 -25.45 -28.62 -10.74
N THR C 10 6.79 43.03 25.39
CA THR C 10 6.17 42.53 24.17
C THR C 10 7.17 41.53 23.58
N ASN C 11 7.63 40.59 24.41
CA ASN C 11 8.70 39.68 24.06
C ASN C 11 8.14 38.35 23.54
N LEU C 12 8.22 38.15 22.23
CA LEU C 12 7.56 37.04 21.57
C LEU C 12 8.23 35.71 21.90
N CYS C 13 7.43 34.67 21.89
CA CYS C 13 7.55 33.26 22.22
C CYS C 13 8.45 32.55 21.22
N PRO C 14 9.22 31.56 21.68
CA PRO C 14 10.00 30.74 20.74
C PRO C 14 9.12 29.82 19.91
N PHE C 15 8.92 30.19 18.65
CA PHE C 15 8.47 29.27 17.62
C PHE C 15 9.56 29.01 16.59
N GLY C 16 10.64 29.79 16.64
CA GLY C 16 11.85 29.52 15.89
C GLY C 16 12.71 28.44 16.49
N GLU C 17 12.24 27.76 17.54
CA GLU C 17 12.87 26.56 18.07
C GLU C 17 12.15 25.30 17.66
N VAL C 18 10.87 25.38 17.32
CA VAL C 18 10.06 24.21 17.08
C VAL C 18 9.76 23.96 15.61
N PHE C 19 9.89 24.96 14.74
CA PHE C 19 9.51 24.81 13.34
C PHE C 19 10.71 24.70 12.42
N ASN C 20 11.59 25.69 12.43
CA ASN C 20 12.77 25.68 11.57
C ASN C 20 13.97 25.11 12.32
N ALA C 21 13.76 23.94 12.93
CA ALA C 21 14.81 23.28 13.68
C ALA C 21 15.77 22.60 12.70
N THR C 22 16.95 22.23 13.16
CA THR C 22 17.94 21.62 12.29
C THR C 22 17.73 20.12 12.12
N ARG C 23 17.04 19.46 13.05
CA ARG C 23 16.74 18.04 12.93
C ARG C 23 15.56 17.71 13.83
N PHE C 24 14.48 17.22 13.24
CA PHE C 24 13.36 16.70 14.00
C PHE C 24 13.67 15.28 14.46
N ALA C 25 12.81 14.73 15.31
CA ALA C 25 12.94 13.36 15.77
C ALA C 25 12.03 12.46 14.96
N SER C 26 12.28 11.16 15.04
CA SER C 26 11.42 10.20 14.39
C SER C 26 10.12 10.04 15.18
N VAL C 27 9.14 9.41 14.54
CA VAL C 27 7.77 9.41 15.08
C VAL C 27 7.61 8.47 16.29
N TYR C 28 8.36 7.36 16.36
CA TYR C 28 8.14 6.43 17.46
C TYR C 28 8.68 6.95 18.78
N ALA C 29 9.60 7.91 18.74
CA ALA C 29 9.99 8.68 19.93
C ALA C 29 9.94 10.15 19.51
N TRP C 30 8.76 10.74 19.58
CA TRP C 30 8.63 12.12 19.11
C TRP C 30 9.10 13.08 20.18
N ASN C 31 9.02 14.37 19.87
CA ASN C 31 9.57 15.41 20.70
C ASN C 31 8.45 16.29 21.26
N ARG C 32 8.21 16.18 22.56
CA ARG C 32 7.19 16.97 23.24
C ARG C 32 7.87 18.16 23.89
N LYS C 33 7.38 19.36 23.59
CA LYS C 33 7.95 20.60 24.10
C LYS C 33 6.82 21.47 24.64
N ARG C 34 7.03 22.03 25.84
CA ARG C 34 6.01 22.83 26.49
C ARG C 34 6.29 24.32 26.27
N ILE C 35 5.22 25.09 26.18
CA ILE C 35 5.29 26.54 26.00
C ILE C 35 4.81 27.21 27.28
N SER C 36 5.68 28.04 27.87
CA SER C 36 5.36 28.72 29.12
C SER C 36 6.01 30.09 29.11
N ASN C 37 5.33 31.04 29.74
CA ASN C 37 5.73 32.46 29.86
C ASN C 37 5.99 33.07 28.48
N CYS C 38 4.92 33.13 27.69
CA CYS C 38 5.03 33.49 26.30
C CYS C 38 3.97 34.48 25.88
N VAL C 39 4.17 35.04 24.70
CA VAL C 39 3.12 35.71 23.93
C VAL C 39 3.36 35.33 22.47
N ALA C 40 2.39 34.63 21.89
CA ALA C 40 2.54 34.16 20.52
C ALA C 40 1.74 35.02 19.57
N ASP C 41 1.83 34.69 18.29
CA ASP C 41 1.01 35.30 17.24
C ASP C 41 0.83 34.28 16.12
N TYR C 42 -0.31 33.58 16.17
CA TYR C 42 -0.61 32.49 15.24
C TYR C 42 -0.90 32.98 13.83
N SER C 43 -1.16 34.28 13.64
CA SER C 43 -1.33 34.82 12.31
C SER C 43 -0.04 34.78 11.49
N VAL C 44 1.12 34.91 12.13
CA VAL C 44 2.39 34.76 11.42
C VAL C 44 2.58 33.32 10.98
N LEU C 45 2.12 32.37 11.80
CA LEU C 45 2.05 30.98 11.38
C LEU C 45 1.01 30.81 10.27
N TYR C 46 -0.10 31.54 10.36
CA TYR C 46 -1.17 31.37 9.40
C TYR C 46 -0.89 32.09 8.08
N ASN C 47 -0.29 33.28 8.12
CA ASN C 47 -0.05 34.06 6.92
C ASN C 47 1.40 33.95 6.48
N SER C 48 1.98 32.78 6.65
CA SER C 48 3.28 32.46 6.06
C SER C 48 3.15 31.82 4.69
N ALA C 49 2.08 31.04 4.47
CA ALA C 49 1.73 30.38 3.21
C ALA C 49 2.82 29.46 2.68
N SER C 50 3.69 28.97 3.56
CA SER C 50 4.65 27.94 3.21
C SER C 50 4.26 26.57 3.73
N PHE C 51 3.21 26.51 4.53
CA PHE C 51 2.72 25.24 5.05
C PHE C 51 1.70 24.63 4.09
N SER C 52 1.62 23.31 4.11
CA SER C 52 0.76 22.57 3.19
C SER C 52 -0.58 22.20 3.79
N THR C 53 -0.64 21.92 5.08
CA THR C 53 -1.89 21.50 5.71
C THR C 53 -1.97 22.20 7.06
N PHE C 54 -2.81 23.23 7.14
CA PHE C 54 -2.98 24.02 8.35
C PHE C 54 -4.44 23.85 8.76
N LYS C 55 -4.73 22.79 9.49
CA LYS C 55 -6.09 22.46 9.89
C LYS C 55 -6.19 22.61 11.40
N CYS C 56 -7.14 23.42 11.85
CA CYS C 56 -7.41 23.56 13.27
C CYS C 56 -8.72 22.88 13.61
N TYR C 57 -8.77 22.21 14.76
CA TYR C 57 -9.80 21.22 15.03
C TYR C 57 -10.64 21.57 16.26
N GLY C 58 -11.14 22.79 16.33
CA GLY C 58 -12.00 23.15 17.44
C GLY C 58 -11.90 24.60 17.87
N VAL C 59 -10.93 25.32 17.31
CA VAL C 59 -10.85 26.76 17.45
C VAL C 59 -10.63 27.35 16.06
N SER C 60 -11.24 28.50 15.83
CA SER C 60 -11.12 29.13 14.51
C SER C 60 -9.75 29.77 14.37
N PRO C 61 -9.08 29.62 13.23
CA PRO C 61 -7.66 30.01 13.16
C PRO C 61 -7.41 31.50 13.13
N THR C 62 -8.28 32.30 12.51
CA THR C 62 -8.02 33.74 12.44
C THR C 62 -8.33 34.44 13.74
N LYS C 63 -9.15 33.86 14.61
CA LYS C 63 -9.44 34.45 15.91
C LYS C 63 -8.48 33.97 16.99
N LEU C 64 -7.36 33.34 16.61
CA LEU C 64 -6.52 32.68 17.59
C LEU C 64 -5.68 33.67 18.39
N ASN C 65 -5.53 34.90 17.88
CA ASN C 65 -4.62 35.83 18.52
C ASN C 65 -5.19 36.39 19.81
N ASP C 66 -6.49 36.73 19.83
CA ASP C 66 -7.13 37.20 21.05
C ASP C 66 -7.84 36.06 21.78
N LEU C 67 -7.07 35.01 22.06
CA LEU C 67 -7.53 33.88 22.85
C LEU C 67 -6.40 33.48 23.78
N CYS C 68 -6.59 33.74 25.07
CA CYS C 68 -5.50 33.70 26.03
C CYS C 68 -5.58 32.43 26.87
N PHE C 69 -4.58 31.57 26.67
CA PHE C 69 -4.49 30.24 27.26
C PHE C 69 -3.44 30.25 28.37
N THR C 70 -3.14 29.07 28.91
CA THR C 70 -2.18 28.98 30.01
C THR C 70 -1.03 28.01 29.75
N ASN C 71 -1.17 27.06 28.83
CA ASN C 71 -0.04 26.25 28.39
C ASN C 71 -0.36 25.66 27.03
N VAL C 72 0.60 25.75 26.11
CA VAL C 72 0.49 25.20 24.77
C VAL C 72 1.53 24.10 24.62
N TYR C 73 1.14 22.96 24.07
CA TYR C 73 2.06 21.86 23.85
C TYR C 73 2.31 21.67 22.37
N ALA C 74 3.57 21.70 21.97
CA ALA C 74 3.98 21.54 20.59
C ALA C 74 4.73 20.22 20.44
N ASP C 75 4.17 19.29 19.68
CA ASP C 75 4.75 17.99 19.42
C ASP C 75 5.25 17.99 17.99
N SER C 76 6.46 17.50 17.77
CA SER C 76 7.06 17.51 16.44
C SER C 76 7.56 16.12 16.06
N PHE C 77 7.14 15.64 14.89
CA PHE C 77 7.62 14.38 14.37
C PHE C 77 7.53 14.39 12.85
N VAL C 78 8.09 13.34 12.23
CA VAL C 78 8.20 13.26 10.78
C VAL C 78 7.56 11.97 10.31
N ILE C 79 6.59 12.07 9.41
CA ILE C 79 5.86 10.93 8.88
C ILE C 79 5.96 10.94 7.36
N ARG C 80 5.40 9.91 6.74
CA ARG C 80 5.24 9.90 5.30
C ARG C 80 4.23 10.95 4.88
N GLY C 81 4.30 11.36 3.62
CA GLY C 81 3.43 12.42 3.14
C GLY C 81 1.98 11.99 3.04
N ASP C 82 1.73 10.73 2.74
CA ASP C 82 0.37 10.25 2.63
C ASP C 82 -0.30 10.03 3.98
N GLU C 83 0.47 9.97 5.05
CA GLU C 83 -0.09 9.66 6.37
C GLU C 83 -0.40 10.90 7.20
N VAL C 84 -0.38 12.08 6.59
CA VAL C 84 -0.75 13.29 7.32
C VAL C 84 -2.26 13.32 7.60
N ARG C 85 -3.05 12.54 6.86
CA ARG C 85 -4.47 12.38 7.16
C ARG C 85 -4.72 11.73 8.52
N GLN C 86 -3.77 10.95 9.04
CA GLN C 86 -3.95 10.22 10.28
C GLN C 86 -3.43 10.97 11.50
N ILE C 87 -3.32 12.30 11.42
CA ILE C 87 -2.96 13.12 12.56
C ILE C 87 -4.19 13.99 12.84
N ALA C 88 -5.35 13.44 12.56
CA ALA C 88 -6.62 14.10 12.79
C ALA C 88 -7.38 13.40 13.91
N PRO C 89 -8.33 14.07 14.58
CA PRO C 89 -9.13 13.38 15.59
C PRO C 89 -10.12 12.43 14.95
N GLY C 90 -9.98 11.14 15.24
CA GLY C 90 -10.92 10.11 14.83
C GLY C 90 -10.38 9.15 13.79
N GLN C 91 -9.26 9.49 13.15
CA GLN C 91 -8.71 8.61 12.13
C GLN C 91 -7.88 7.49 12.74
N THR C 92 -7.87 6.35 12.07
CA THR C 92 -7.10 5.19 12.48
C THR C 92 -6.25 4.71 11.31
N GLY C 93 -5.26 3.88 11.61
CA GLY C 93 -4.36 3.38 10.61
C GLY C 93 -3.07 2.90 11.24
N LYS C 94 -2.00 2.76 10.48
CA LYS C 94 -0.76 2.37 11.14
C LYS C 94 -0.32 3.43 12.14
N ILE C 95 0.05 4.60 11.65
CA ILE C 95 0.59 5.63 12.52
C ILE C 95 -0.39 6.01 13.61
N ALA C 96 -1.66 6.08 13.28
CA ALA C 96 -2.63 6.52 14.27
C ALA C 96 -2.75 5.64 15.49
N ASP C 97 -2.71 4.31 15.34
CA ASP C 97 -2.96 3.49 16.54
C ASP C 97 -1.72 2.88 17.16
N TYR C 98 -0.55 3.22 16.64
CA TYR C 98 0.71 2.67 17.11
C TYR C 98 1.78 3.71 17.36
N ASN C 99 1.67 4.91 16.79
CA ASN C 99 2.73 5.90 16.86
C ASN C 99 2.31 7.18 17.57
N TYR C 100 1.21 7.79 17.16
CA TYR C 100 0.83 9.09 17.71
C TYR C 100 -0.68 9.25 17.58
N LYS C 101 -1.40 9.09 18.70
CA LYS C 101 -2.85 9.09 18.70
C LYS C 101 -3.37 10.36 19.33
N LEU C 102 -4.26 11.07 18.62
CA LEU C 102 -4.90 12.26 19.17
C LEU C 102 -6.25 11.90 19.74
N PRO C 103 -6.66 12.49 20.86
CA PRO C 103 -7.95 12.14 21.45
C PRO C 103 -9.10 12.75 20.69
N ASP C 104 -10.27 12.12 20.81
CA ASP C 104 -11.43 12.58 20.05
C ASP C 104 -12.27 13.58 20.85
N ASP C 105 -11.59 14.53 21.47
CA ASP C 105 -12.15 15.76 21.99
C ASP C 105 -11.15 16.89 21.83
N PHE C 106 -10.33 16.79 20.79
CA PHE C 106 -9.15 17.63 20.64
C PHE C 106 -9.55 19.06 20.27
N THR C 107 -8.73 20.01 20.72
CA THR C 107 -8.82 21.40 20.28
C THR C 107 -7.39 21.91 20.08
N GLY C 108 -6.97 21.96 18.82
CA GLY C 108 -5.64 22.39 18.50
C GLY C 108 -5.49 22.61 17.01
N CYS C 109 -4.25 22.87 16.59
CA CYS C 109 -3.99 23.09 15.18
C CYS C 109 -2.90 22.12 14.73
N VAL C 110 -3.14 21.43 13.61
CA VAL C 110 -2.20 20.50 13.01
C VAL C 110 -1.57 21.18 11.81
N ILE C 111 -0.24 21.29 11.83
CA ILE C 111 0.51 22.00 10.80
C ILE C 111 1.37 20.97 10.08
N ALA C 112 1.52 21.13 8.76
CA ALA C 112 2.33 20.21 7.99
C ALA C 112 2.91 20.90 6.76
N TRP C 113 4.16 20.59 6.45
CA TRP C 113 4.77 21.11 5.23
C TRP C 113 5.80 20.13 4.72
N ASN C 114 6.23 20.35 3.48
CA ASN C 114 7.10 19.40 2.78
C ASN C 114 8.55 19.60 3.18
N SER C 115 9.31 18.52 3.29
CA SER C 115 10.68 18.67 3.74
C SER C 115 11.67 17.74 3.08
N ASN C 116 11.44 17.43 1.81
CA ASN C 116 12.29 16.45 1.16
C ASN C 116 13.75 16.87 1.11
N ASN C 117 14.02 18.11 0.74
CA ASN C 117 15.40 18.52 0.59
C ASN C 117 16.09 18.40 1.92
N LEU C 118 15.40 18.80 2.98
CA LEU C 118 15.95 18.67 4.31
C LEU C 118 16.19 17.27 4.85
N ASP C 119 15.27 16.31 4.63
CA ASP C 119 15.49 14.99 5.29
C ASP C 119 15.84 13.79 4.43
N SER C 120 16.44 14.03 3.27
CA SER C 120 16.61 12.94 2.33
C SER C 120 18.00 13.00 1.72
N LYS C 121 18.78 11.95 1.94
CA LYS C 121 20.09 11.79 1.33
C LYS C 121 19.91 11.02 0.03
N VAL C 122 20.95 11.08 -0.82
CA VAL C 122 20.89 10.39 -2.10
C VAL C 122 20.91 8.88 -1.91
N GLY C 123 21.67 8.40 -0.93
CA GLY C 123 21.60 7.01 -0.55
C GLY C 123 20.33 6.70 0.22
N GLY C 124 19.80 7.73 0.88
CA GLY C 124 18.56 7.59 1.65
C GLY C 124 18.87 7.56 3.13
N ASN C 125 18.11 8.35 3.88
CA ASN C 125 18.27 8.42 5.33
C ASN C 125 17.53 7.24 5.95
N TYR C 126 18.22 6.48 6.78
CA TYR C 126 17.65 5.34 7.48
C TYR C 126 17.59 5.56 8.99
N ASN C 127 17.45 6.82 9.41
CA ASN C 127 17.36 7.16 10.83
C ASN C 127 15.99 7.63 11.24
N TYR C 128 15.05 7.77 10.31
CA TYR C 128 13.65 8.01 10.63
C TYR C 128 12.98 6.65 10.63
N LEU C 129 12.47 6.24 11.80
CA LEU C 129 11.86 4.93 11.92
C LEU C 129 10.44 5.07 12.45
N TYR C 130 9.68 3.98 12.39
CA TYR C 130 8.30 4.02 12.85
C TYR C 130 7.93 2.66 13.42
N ARG C 131 6.93 2.66 14.30
CA ARG C 131 6.57 1.49 15.09
C ARG C 131 5.66 0.62 14.24
N LEU C 132 5.96 -0.67 14.16
CA LEU C 132 5.20 -1.56 13.29
C LEU C 132 4.42 -2.59 14.09
N PHE C 133 5.00 -3.09 15.18
CA PHE C 133 4.39 -4.13 15.99
C PHE C 133 4.21 -3.64 17.41
N ARG C 134 3.00 -3.73 17.94
CA ARG C 134 2.74 -3.43 19.33
C ARG C 134 1.62 -4.35 19.82
N LYS C 135 1.55 -4.53 21.13
CA LYS C 135 0.58 -5.44 21.74
C LYS C 135 -0.84 -4.94 21.53
N SER C 136 -1.13 -3.72 21.95
CA SER C 136 -2.42 -3.10 21.74
C SER C 136 -2.22 -1.68 21.22
N ASN C 137 -3.32 -0.96 21.06
CA ASN C 137 -3.26 0.39 20.54
C ASN C 137 -2.75 1.37 21.59
N LEU C 138 -2.74 2.64 21.23
CA LEU C 138 -2.34 3.69 22.15
C LEU C 138 -3.54 4.44 22.71
N LYS C 139 -3.54 4.63 24.02
CA LYS C 139 -4.33 5.72 24.57
C LYS C 139 -3.70 7.05 24.13
N PRO C 140 -4.47 8.14 24.04
CA PRO C 140 -3.95 9.34 23.39
C PRO C 140 -2.79 10.01 24.13
N PHE C 141 -1.96 10.71 23.36
CA PHE C 141 -0.81 11.49 23.83
C PHE C 141 0.21 10.62 24.57
N GLU C 142 0.36 9.38 24.11
CA GLU C 142 1.20 8.40 24.84
C GLU C 142 2.29 7.88 23.92
N ARG C 143 3.53 8.17 24.29
CA ARG C 143 4.69 7.61 23.60
C ARG C 143 5.10 6.29 24.23
N ASP C 144 5.72 5.43 23.43
CA ASP C 144 6.24 4.15 23.91
C ASP C 144 7.58 3.89 23.23
N ILE C 145 8.65 4.29 23.90
CA ILE C 145 10.00 4.03 23.43
C ILE C 145 10.48 2.74 24.08
N SER C 146 10.10 1.60 23.51
CA SER C 146 10.44 0.30 24.07
C SER C 146 11.00 -0.58 22.98
N THR C 147 12.33 -0.77 22.99
CA THR C 147 13.01 -1.53 21.97
C THR C 147 13.02 -3.04 22.24
N GLU C 148 12.07 -3.52 23.03
CA GLU C 148 11.97 -4.96 23.28
C GLU C 148 11.36 -5.66 22.08
N ILE C 149 11.80 -6.89 21.82
CA ILE C 149 11.25 -7.65 20.72
C ILE C 149 9.78 -7.97 20.99
N TYR C 150 8.98 -8.20 19.94
CA TYR C 150 7.54 -8.56 20.09
C TYR C 150 7.26 -10.07 19.85
N GLN C 151 6.20 -10.64 20.46
CA GLN C 151 5.87 -12.10 20.34
C GLN C 151 4.38 -12.43 20.12
N ALA C 152 4.06 -13.64 19.61
CA ALA C 152 2.63 -13.98 19.29
C ALA C 152 1.82 -15.15 19.94
N GLY C 153 2.22 -16.43 19.78
CA GLY C 153 1.46 -17.59 20.31
C GLY C 153 2.12 -17.94 21.62
N SER C 154 2.14 -19.22 21.96
CA SER C 154 2.58 -19.64 23.30
C SER C 154 3.99 -19.45 23.81
N THR C 155 4.97 -19.29 22.93
CA THR C 155 6.33 -19.24 23.45
C THR C 155 7.06 -17.91 23.29
N PRO C 156 7.63 -17.39 24.39
CA PRO C 156 8.34 -16.10 24.35
C PRO C 156 9.79 -16.20 23.87
N CYS C 157 10.30 -15.11 23.32
CA CYS C 157 11.69 -15.07 22.83
C CYS C 157 12.85 -14.69 23.72
N ASN C 158 12.66 -13.70 24.59
CA ASN C 158 13.77 -13.20 25.42
C ASN C 158 14.96 -12.69 24.61
N GLY C 159 14.69 -11.97 23.52
CA GLY C 159 15.76 -11.38 22.74
C GLY C 159 16.43 -12.14 21.61
N VAL C 160 16.00 -13.36 21.35
CA VAL C 160 16.55 -14.11 20.21
C VAL C 160 16.24 -13.54 18.82
N GLU C 161 15.14 -12.80 18.65
CA GLU C 161 14.73 -12.29 17.32
C GLU C 161 14.50 -13.40 16.29
N GLY C 162 13.99 -14.56 16.72
CA GLY C 162 13.77 -15.66 15.80
C GLY C 162 12.39 -15.67 15.17
N PHE C 163 11.98 -16.81 14.63
CA PHE C 163 10.66 -16.90 14.05
C PHE C 163 9.63 -16.62 15.12
N ASN C 164 8.59 -15.86 14.78
CA ASN C 164 7.52 -15.50 15.72
C ASN C 164 7.92 -14.32 16.60
N CYS C 165 9.15 -13.83 16.43
CA CYS C 165 9.58 -12.64 17.18
C CYS C 165 10.23 -11.62 16.28
N TYR C 166 9.76 -10.38 16.32
CA TYR C 166 10.28 -9.38 15.40
C TYR C 166 10.57 -8.03 16.04
N PHE C 167 11.55 -7.30 15.51
CA PHE C 167 11.89 -5.98 16.03
C PHE C 167 10.70 -5.07 15.82
N PRO C 168 10.40 -4.22 16.81
CA PRO C 168 9.19 -3.41 16.68
C PRO C 168 9.31 -2.21 15.75
N LEU C 169 10.35 -2.12 14.92
CA LEU C 169 10.54 -0.95 14.09
C LEU C 169 10.83 -1.37 12.66
N GLN C 170 10.34 -0.60 11.70
CA GLN C 170 10.77 -0.67 10.32
C GLN C 170 11.27 0.71 9.92
N SER C 171 12.16 0.74 8.94
CA SER C 171 12.78 1.99 8.54
C SER C 171 12.00 2.64 7.40
N TYR C 172 11.89 3.95 7.45
CA TYR C 172 11.40 4.71 6.32
C TYR C 172 12.44 4.75 5.22
N GLY C 173 12.01 4.49 3.99
CA GLY C 173 12.88 4.64 2.84
C GLY C 173 12.69 6.01 2.23
N PHE C 174 13.64 6.91 2.44
CA PHE C 174 13.51 8.30 2.04
C PHE C 174 14.55 8.61 0.97
N GLN C 175 14.20 8.38 -0.27
CA GLN C 175 15.05 8.66 -1.41
C GLN C 175 14.58 9.93 -2.10
N PRO C 176 15.47 10.67 -2.77
CA PRO C 176 15.04 11.92 -3.42
C PRO C 176 14.14 11.72 -4.63
N THR C 177 14.06 10.52 -5.18
CA THR C 177 13.09 10.20 -6.22
C THR C 177 12.12 9.19 -5.62
N ASN C 178 11.13 9.71 -4.89
CA ASN C 178 10.20 8.89 -4.14
C ASN C 178 8.74 9.16 -4.46
N GLY C 179 8.40 10.33 -4.96
CA GLY C 179 7.00 10.69 -5.09
C GLY C 179 6.66 11.85 -4.18
N VAL C 180 5.72 12.67 -4.65
CA VAL C 180 5.27 13.81 -3.87
C VAL C 180 4.46 13.37 -2.66
N GLY C 181 3.95 12.15 -2.64
CA GLY C 181 3.25 11.62 -1.51
C GLY C 181 4.04 10.69 -0.61
N TYR C 182 5.24 10.28 -1.02
CA TYR C 182 6.14 9.58 -0.12
C TYR C 182 7.34 10.42 0.30
N GLN C 183 7.34 11.71 0.02
CA GLN C 183 8.39 12.56 0.54
C GLN C 183 8.16 12.77 2.04
N PRO C 184 9.22 12.93 2.83
CA PRO C 184 9.04 13.05 4.28
C PRO C 184 8.48 14.42 4.64
N TYR C 185 7.33 14.41 5.32
CA TYR C 185 6.66 15.64 5.73
C TYR C 185 6.90 15.86 7.21
N ARG C 186 7.29 17.08 7.57
CA ARG C 186 7.42 17.45 8.96
C ARG C 186 6.11 18.02 9.45
N VAL C 187 5.57 17.49 10.54
CA VAL C 187 4.33 17.97 11.11
C VAL C 187 4.59 18.51 12.50
N VAL C 188 3.74 19.42 12.94
CA VAL C 188 3.78 19.99 14.29
C VAL C 188 2.34 20.05 14.78
N VAL C 189 2.05 19.37 15.88
CA VAL C 189 0.70 19.30 16.43
C VAL C 189 0.60 20.33 17.54
N LEU C 190 0.20 21.54 17.20
CA LEU C 190 -0.08 22.56 18.19
C LEU C 190 -1.33 22.19 18.95
N SER C 191 -1.22 22.14 20.27
CA SER C 191 -2.30 21.64 21.12
C SER C 191 -2.49 22.59 22.31
N PHE C 192 -3.73 22.98 22.55
CA PHE C 192 -4.07 23.92 23.60
C PHE C 192 -4.61 23.19 24.81
N GLU C 193 -4.47 23.83 25.97
CA GLU C 193 -4.99 23.32 27.23
C GLU C 193 -5.54 24.49 28.05
N LEU C 194 -6.16 24.17 29.18
CA LEU C 194 -6.63 25.18 30.12
C LEU C 194 -6.65 24.53 31.51
N LEU C 195 -5.63 24.83 32.31
CA LEU C 195 -5.53 24.40 33.69
C LEU C 195 -6.10 25.49 34.59
N HIS C 196 -6.47 25.11 35.81
CA HIS C 196 -6.90 26.09 36.80
C HIS C 196 -5.69 26.89 37.27
N ALA C 197 -5.40 27.96 36.53
CA ALA C 197 -4.17 28.74 36.69
C ALA C 197 -4.40 30.08 36.01
N PRO C 198 -3.57 31.09 36.29
CA PRO C 198 -3.69 32.35 35.54
C PRO C 198 -3.33 32.21 34.08
N ALA C 199 -3.61 33.26 33.32
CA ALA C 199 -3.31 33.31 31.90
C ALA C 199 -1.82 33.59 31.70
N THR C 200 -1.18 32.77 30.86
CA THR C 200 0.27 32.82 30.72
C THR C 200 0.68 33.14 29.28
N VAL C 201 -0.13 32.72 28.31
CA VAL C 201 0.08 33.08 26.91
C VAL C 201 -1.18 33.79 26.41
N CYS C 202 -1.02 35.00 25.89
CA CYS C 202 -2.20 35.77 25.53
C CYS C 202 -2.29 36.09 24.05
N GLY C 203 -1.23 36.66 23.48
CA GLY C 203 -1.24 37.01 22.08
C GLY C 203 -1.72 38.42 21.79
N GLN D 1 9.93 3.55 -4.07
CA GLN D 1 9.09 3.99 -5.16
C GLN D 1 7.96 2.99 -5.41
N ILE D 2 6.97 3.40 -6.19
CA ILE D 2 5.75 2.64 -6.40
C ILE D 2 5.50 2.50 -7.89
N VAL D 3 5.30 1.26 -8.34
CA VAL D 3 4.75 0.98 -9.66
C VAL D 3 3.34 0.42 -9.46
N LEU D 4 2.38 1.01 -10.16
CA LEU D 4 0.99 0.59 -10.08
C LEU D 4 0.70 -0.32 -11.27
N THR D 5 0.26 -1.54 -10.99
CA THR D 5 0.02 -2.53 -12.01
C THR D 5 -1.46 -2.85 -12.12
N GLN D 6 -1.91 -3.06 -13.35
CA GLN D 6 -3.27 -3.51 -13.63
C GLN D 6 -3.18 -4.76 -14.49
N SER D 7 -3.93 -5.79 -14.11
CA SER D 7 -3.91 -7.06 -14.82
C SER D 7 -5.33 -7.57 -14.95
N PRO D 8 -5.70 -8.18 -16.09
CA PRO D 8 -4.90 -8.40 -17.31
C PRO D 8 -4.79 -7.17 -18.19
N ALA D 9 -4.24 -7.34 -19.39
CA ALA D 9 -4.02 -6.21 -20.28
C ALA D 9 -5.30 -5.63 -20.84
N ILE D 10 -6.14 -6.47 -21.46
CA ILE D 10 -7.41 -6.02 -22.01
C ILE D 10 -8.49 -6.95 -21.51
N MET D 11 -9.49 -6.39 -20.83
CA MET D 11 -10.59 -7.17 -20.29
C MET D 11 -11.83 -6.94 -21.15
N SER D 12 -12.71 -7.93 -21.17
CA SER D 12 -13.89 -7.87 -22.03
C SER D 12 -15.02 -8.64 -21.36
N ALA D 13 -16.14 -7.95 -21.11
CA ALA D 13 -17.35 -8.58 -20.61
C ALA D 13 -18.51 -8.19 -21.50
N SER D 14 -19.43 -9.13 -21.72
CA SER D 14 -20.55 -8.90 -22.61
C SER D 14 -21.53 -7.91 -22.00
N LEU D 15 -22.47 -7.46 -22.83
CA LEU D 15 -23.31 -6.30 -22.52
C LEU D 15 -24.23 -6.58 -21.35
N GLY D 16 -24.31 -5.60 -20.44
CA GLY D 16 -25.16 -5.68 -19.28
C GLY D 16 -24.65 -6.55 -18.15
N GLU D 17 -23.48 -7.18 -18.30
CA GLU D 17 -22.98 -8.07 -17.28
C GLU D 17 -21.96 -7.34 -16.40
N GLU D 18 -21.49 -8.01 -15.36
CA GLU D 18 -20.66 -7.38 -14.35
C GLU D 18 -19.19 -7.73 -14.57
N ILE D 19 -18.37 -6.68 -14.64
CA ILE D 19 -16.92 -6.81 -14.73
C ILE D 19 -16.35 -6.04 -13.56
N THR D 20 -15.08 -6.30 -13.24
CA THR D 20 -14.38 -5.56 -12.21
C THR D 20 -12.96 -5.27 -12.67
N LEU D 21 -12.38 -4.21 -12.14
CA LEU D 21 -11.04 -3.79 -12.50
C LEU D 21 -10.16 -3.76 -11.26
N THR D 22 -8.88 -4.04 -11.44
CA THR D 22 -7.93 -4.11 -10.34
C THR D 22 -6.86 -3.05 -10.51
N CYS D 23 -6.30 -2.62 -9.38
CA CYS D 23 -5.18 -1.69 -9.39
C CYS D 23 -4.34 -2.03 -8.17
N SER D 24 -3.29 -2.82 -8.38
CA SER D 24 -2.50 -3.37 -7.28
C SER D 24 -1.27 -2.51 -7.06
N VAL D 25 -1.04 -2.13 -5.82
CA VAL D 25 0.06 -1.24 -5.44
C VAL D 25 1.17 -2.10 -4.86
N SER D 26 2.41 -1.63 -4.95
CA SER D 26 3.52 -2.37 -4.37
C SER D 26 3.66 -2.10 -2.88
N SER D 27 2.97 -1.10 -2.34
CA SER D 27 2.96 -0.82 -0.91
C SER D 27 1.54 -0.40 -0.53
N SER D 28 1.41 0.18 0.66
CA SER D 28 0.11 0.61 1.16
C SER D 28 -0.11 2.09 0.89
N VAL D 29 -1.26 2.42 0.31
CA VAL D 29 -1.69 3.80 0.13
C VAL D 29 -3.11 3.92 0.67
N SER D 30 -3.51 5.15 1.00
CA SER D 30 -4.79 5.37 1.66
C SER D 30 -5.95 5.32 0.67
N ASP D 31 -5.88 6.11 -0.39
CA ASP D 31 -6.95 6.21 -1.36
C ASP D 31 -6.45 5.77 -2.73
N MET D 32 -7.28 5.98 -3.76
CA MET D 32 -6.98 5.64 -5.15
C MET D 32 -8.00 6.31 -6.06
N HIS D 33 -7.53 6.99 -7.10
CA HIS D 33 -8.41 7.67 -8.04
C HIS D 33 -8.48 6.87 -9.34
N TRP D 34 -9.53 7.13 -10.12
CA TRP D 34 -9.76 6.41 -11.38
C TRP D 34 -10.10 7.40 -12.49
N TYR D 35 -9.19 7.57 -13.44
CA TYR D 35 -9.44 8.42 -14.58
C TYR D 35 -9.71 7.56 -15.81
N GLN D 36 -10.47 8.12 -16.74
CA GLN D 36 -10.94 7.37 -17.90
C GLN D 36 -10.80 8.22 -19.15
N GLN D 37 -10.14 7.68 -20.17
CA GLN D 37 -10.04 8.34 -21.46
C GLN D 37 -10.77 7.50 -22.50
N LYS D 38 -11.39 8.17 -23.46
CA LYS D 38 -11.81 7.51 -24.68
C LYS D 38 -10.73 7.69 -25.74
N SER D 39 -10.95 7.11 -26.91
CA SER D 39 -9.98 7.17 -27.99
C SER D 39 -9.96 8.56 -28.59
N GLY D 40 -8.79 9.20 -28.59
CA GLY D 40 -8.66 10.53 -29.14
C GLY D 40 -9.24 11.63 -28.29
N THR D 41 -9.37 11.42 -26.99
CA THR D 41 -9.98 12.40 -26.10
C THR D 41 -9.18 12.42 -24.80
N SER D 42 -9.07 13.59 -24.18
CA SER D 42 -8.36 13.73 -22.92
C SER D 42 -9.08 12.97 -21.80
N PRO D 43 -8.35 12.39 -20.85
CA PRO D 43 -9.00 11.64 -19.78
C PRO D 43 -9.75 12.55 -18.81
N LYS D 44 -10.80 11.98 -18.21
CA LYS D 44 -11.64 12.67 -17.26
C LYS D 44 -11.74 11.84 -15.99
N VAL D 45 -12.16 12.48 -14.90
CA VAL D 45 -12.20 11.83 -13.60
C VAL D 45 -13.53 11.11 -13.42
N PHE D 46 -13.49 9.89 -12.91
CA PHE D 46 -14.69 9.16 -12.53
C PHE D 46 -14.87 9.01 -11.02
N ILE D 47 -13.85 8.58 -10.30
CA ILE D 47 -13.99 8.25 -8.89
C ILE D 47 -12.84 8.89 -8.12
N TYR D 48 -13.17 9.69 -7.11
CA TYR D 48 -12.20 10.14 -6.13
C TYR D 48 -12.45 9.44 -4.80
N SER D 49 -11.35 9.09 -4.12
CA SER D 49 -11.33 8.44 -2.80
C SER D 49 -12.04 7.09 -2.81
N THR D 50 -11.94 6.37 -3.94
CA THR D 50 -12.25 4.96 -4.18
C THR D 50 -13.72 4.60 -4.13
N SER D 51 -14.58 5.49 -3.69
CA SER D 51 -15.98 5.12 -3.53
C SER D 51 -16.96 6.23 -3.88
N ASN D 52 -16.50 7.39 -4.33
CA ASN D 52 -17.38 8.53 -4.59
C ASN D 52 -17.45 8.75 -6.09
N LEU D 53 -18.67 8.82 -6.61
CA LEU D 53 -18.86 9.05 -8.03
C LEU D 53 -18.71 10.52 -8.36
N ALA D 54 -18.06 10.82 -9.48
CA ALA D 54 -17.93 12.21 -9.92
C ALA D 54 -19.26 12.72 -10.46
N SER D 55 -19.36 14.05 -10.54
CA SER D 55 -20.56 14.70 -11.07
C SER D 55 -20.54 14.57 -12.58
N GLY D 56 -21.21 13.53 -13.09
CA GLY D 56 -21.25 13.30 -14.53
C GLY D 56 -21.21 11.84 -14.92
N VAL D 57 -20.69 10.99 -14.05
CA VAL D 57 -20.61 9.56 -14.33
C VAL D 57 -21.96 8.95 -13.96
N PRO D 58 -22.45 7.95 -14.70
CA PRO D 58 -23.65 7.24 -14.27
C PRO D 58 -23.42 6.49 -12.96
N SER D 59 -24.53 6.26 -12.24
CA SER D 59 -24.46 5.72 -10.88
C SER D 59 -24.51 4.20 -10.86
N ARG D 60 -24.10 3.54 -11.94
CA ARG D 60 -23.88 2.10 -11.92
C ARG D 60 -22.47 1.74 -11.49
N PHE D 61 -21.51 2.63 -11.72
CA PHE D 61 -20.12 2.39 -11.35
C PHE D 61 -19.97 2.37 -9.83
N SER D 62 -18.99 1.61 -9.36
CA SER D 62 -18.62 1.60 -7.96
C SER D 62 -17.20 1.07 -7.83
N GLY D 63 -16.76 0.89 -6.60
CA GLY D 63 -15.45 0.36 -6.32
C GLY D 63 -15.17 0.40 -4.85
N SER D 64 -14.24 -0.40 -4.36
CA SER D 64 -13.90 -0.40 -2.95
C SER D 64 -12.48 -0.91 -2.80
N GLY D 65 -12.05 -1.07 -1.56
CA GLY D 65 -10.72 -1.57 -1.28
C GLY D 65 -9.87 -0.56 -0.52
N SER D 66 -8.88 -1.05 0.21
CA SER D 66 -7.96 -0.20 0.95
C SER D 66 -6.65 -0.95 1.12
N GLY D 67 -5.57 -0.21 1.29
CA GLY D 67 -4.29 -0.85 1.52
C GLY D 67 -3.53 -1.17 0.25
N THR D 68 -3.65 -2.39 -0.26
CA THR D 68 -2.81 -2.89 -1.33
C THR D 68 -3.64 -3.46 -2.48
N PHE D 69 -4.93 -3.13 -2.53
CA PHE D 69 -5.80 -3.62 -3.58
C PHE D 69 -6.97 -2.65 -3.74
N TYR D 70 -7.17 -2.17 -4.96
CA TYR D 70 -8.22 -1.18 -5.21
C TYR D 70 -9.02 -1.60 -6.44
N SER D 71 -10.30 -1.28 -6.42
CA SER D 71 -11.24 -1.85 -7.36
C SER D 71 -12.06 -0.76 -8.05
N LEU D 72 -12.57 -1.10 -9.23
CA LEU D 72 -13.59 -0.33 -9.92
C LEU D 72 -14.45 -1.32 -10.68
N THR D 73 -15.63 -1.61 -10.17
CA THR D 73 -16.51 -2.62 -10.73
C THR D 73 -17.78 -1.97 -11.25
N ILE D 74 -18.28 -2.51 -12.36
CA ILE D 74 -19.50 -2.02 -13.00
C ILE D 74 -20.52 -3.13 -12.91
N SER D 75 -21.70 -2.83 -12.35
CA SER D 75 -22.70 -3.88 -12.13
C SER D 75 -23.35 -4.32 -13.43
N SER D 76 -23.49 -3.41 -14.40
CA SER D 76 -24.01 -3.72 -15.73
C SER D 76 -23.31 -2.80 -16.71
N VAL D 77 -22.42 -3.35 -17.54
CA VAL D 77 -21.63 -2.53 -18.44
C VAL D 77 -22.49 -2.09 -19.62
N GLU D 78 -22.16 -0.94 -20.20
CA GLU D 78 -22.89 -0.40 -21.33
C GLU D 78 -21.94 -0.15 -22.50
N ALA D 79 -22.51 0.09 -23.68
CA ALA D 79 -21.73 0.18 -24.90
C ALA D 79 -20.89 1.44 -24.99
N GLU D 80 -21.19 2.45 -24.17
CA GLU D 80 -20.33 3.63 -24.14
C GLU D 80 -19.11 3.44 -23.26
N ASP D 81 -19.02 2.33 -22.51
CA ASP D 81 -17.85 2.03 -21.70
C ASP D 81 -16.79 1.28 -22.50
N ALA D 82 -16.45 1.81 -23.67
CA ALA D 82 -15.42 1.24 -24.53
C ALA D 82 -14.28 2.24 -24.46
N ALA D 83 -13.41 2.04 -23.48
CA ALA D 83 -12.49 3.10 -23.08
C ALA D 83 -11.31 2.49 -22.35
N TYR D 84 -10.34 3.33 -22.01
CA TYR D 84 -9.27 2.97 -21.11
C TYR D 84 -9.58 3.52 -19.73
N TYR D 85 -9.18 2.78 -18.70
CA TYR D 85 -9.49 3.13 -17.31
C TYR D 85 -8.19 3.13 -16.52
N TYR D 86 -7.63 4.30 -16.30
CA TYR D 86 -6.36 4.44 -15.62
C TYR D 86 -6.58 4.70 -14.13
N CYS D 87 -5.86 3.96 -13.30
CA CYS D 87 -5.80 4.24 -11.88
C CYS D 87 -4.53 5.03 -11.58
N HIS D 88 -4.63 5.91 -10.58
CA HIS D 88 -3.51 6.78 -10.23
C HIS D 88 -3.73 7.27 -8.81
N GLN D 89 -2.64 7.49 -8.10
CA GLN D 89 -2.69 7.99 -6.74
C GLN D 89 -1.77 9.19 -6.62
N TRP D 90 -1.76 9.75 -5.41
CA TRP D 90 -0.89 10.88 -5.08
C TRP D 90 0.59 10.51 -5.13
N SER D 91 0.93 9.25 -4.88
CA SER D 91 2.28 8.87 -4.47
C SER D 91 3.00 8.01 -5.51
N SER D 92 2.87 8.32 -6.80
CA SER D 92 3.40 7.39 -7.78
C SER D 92 4.46 7.96 -8.71
N TRP D 93 4.14 9.12 -9.30
CA TRP D 93 4.74 9.79 -10.47
C TRP D 93 4.41 9.08 -11.78
N THR D 94 3.81 7.90 -11.73
CA THR D 94 3.53 7.12 -12.92
C THR D 94 2.15 6.50 -12.79
N PHE D 95 1.37 6.57 -13.85
CA PHE D 95 0.01 6.09 -13.82
C PHE D 95 0.00 4.56 -13.88
N GLY D 96 -1.19 3.99 -13.82
CA GLY D 96 -1.37 2.57 -14.04
C GLY D 96 -1.24 2.22 -15.51
N GLY D 97 -1.41 0.94 -15.78
CA GLY D 97 -1.31 0.47 -17.15
C GLY D 97 -2.54 0.84 -17.97
N GLY D 98 -3.71 0.50 -17.46
CA GLY D 98 -4.95 0.78 -18.15
C GLY D 98 -5.52 -0.43 -18.84
N THR D 99 -6.53 -1.05 -18.22
CA THR D 99 -7.23 -2.17 -18.84
C THR D 99 -8.28 -1.59 -19.77
N LYS D 100 -8.06 -1.71 -21.07
CA LYS D 100 -9.01 -1.18 -22.05
C LYS D 100 -10.22 -2.09 -22.06
N LEU D 101 -11.27 -1.68 -21.34
CA LEU D 101 -12.52 -2.42 -21.33
C LEU D 101 -13.21 -2.23 -22.67
N GLU D 102 -13.23 -3.30 -23.47
CA GLU D 102 -13.98 -3.30 -24.72
C GLU D 102 -15.08 -4.34 -24.62
N ILE D 103 -16.24 -4.02 -25.21
CA ILE D 103 -17.42 -4.84 -25.01
C ILE D 103 -17.30 -6.14 -25.81
N LYS D 104 -18.12 -7.11 -25.45
CA LYS D 104 -18.07 -8.44 -26.06
C LYS D 104 -19.43 -8.85 -26.63
N GLU E 1 -18.00 26.24 -19.62
CA GLU E 1 -17.96 26.85 -18.30
C GLU E 1 -16.50 26.95 -17.85
N VAL E 2 -15.89 25.83 -17.46
CA VAL E 2 -14.45 25.81 -17.24
C VAL E 2 -13.78 25.16 -18.45
N MET E 3 -12.67 25.74 -18.88
CA MET E 3 -11.99 25.28 -20.08
C MET E 3 -10.54 25.71 -20.02
N LEU E 4 -9.65 24.83 -20.45
CA LEU E 4 -8.22 25.08 -20.44
C LEU E 4 -7.67 24.66 -21.79
N VAL E 5 -6.96 25.55 -22.46
CA VAL E 5 -6.45 25.28 -23.80
C VAL E 5 -4.94 25.24 -23.77
N GLU E 6 -4.35 24.52 -24.71
CA GLU E 6 -2.91 24.43 -24.87
C GLU E 6 -2.52 24.98 -26.23
N SER E 7 -1.45 25.78 -26.24
CA SER E 7 -0.94 26.34 -27.49
C SER E 7 0.55 26.59 -27.32
N GLY E 8 1.33 26.21 -28.33
CA GLY E 8 2.76 26.38 -28.27
C GLY E 8 3.48 25.11 -28.62
N GLY E 9 2.72 24.08 -28.98
CA GLY E 9 3.29 22.81 -29.36
C GLY E 9 3.55 22.73 -30.85
N GLY E 10 4.63 22.03 -31.21
CA GLY E 10 5.02 21.86 -32.59
C GLY E 10 6.06 20.76 -32.70
N VAL E 11 7.10 21.01 -33.49
CA VAL E 11 8.29 20.15 -33.53
C VAL E 11 9.49 21.02 -33.16
N VAL E 12 10.35 20.49 -32.29
CA VAL E 12 11.54 21.18 -31.84
C VAL E 12 12.75 20.29 -32.14
N LYS E 13 13.92 20.86 -32.00
CA LYS E 13 15.12 20.09 -32.26
C LYS E 13 15.56 19.34 -31.01
N PRO E 14 16.26 18.21 -31.18
CA PRO E 14 16.84 17.51 -30.02
C PRO E 14 17.93 18.36 -29.37
N GLY E 15 17.75 18.62 -28.08
CA GLY E 15 18.55 19.60 -27.40
C GLY E 15 17.96 21.00 -27.41
N GLY E 16 16.85 21.19 -28.11
CA GLY E 16 16.19 22.48 -28.18
C GLY E 16 15.26 22.71 -27.00
N SER E 17 14.85 23.96 -26.84
CA SER E 17 14.07 24.41 -25.70
C SER E 17 12.96 25.35 -26.17
N LEU E 18 11.77 25.15 -25.60
CA LEU E 18 10.66 26.05 -25.85
C LEU E 18 9.71 25.97 -24.65
N LYS E 19 8.62 26.72 -24.73
CA LYS E 19 7.77 27.03 -23.59
C LYS E 19 6.33 26.70 -23.96
N LEU E 20 5.70 25.82 -23.21
CA LEU E 20 4.33 25.38 -23.47
C LEU E 20 3.37 26.23 -22.64
N SER E 21 2.51 26.97 -23.32
CA SER E 21 1.57 27.85 -22.64
C SER E 21 0.21 27.17 -22.50
N CYS E 22 -0.41 27.38 -21.34
CA CYS E 22 -1.73 26.83 -21.03
C CYS E 22 -2.60 27.96 -20.50
N ALA E 23 -3.54 28.42 -21.31
CA ALA E 23 -4.45 29.49 -20.93
C ALA E 23 -5.59 28.88 -20.13
N ALA E 24 -6.02 29.58 -19.08
CA ALA E 24 -7.08 29.09 -18.19
C ALA E 24 -7.89 30.25 -17.64
N SER E 25 -9.21 30.15 -17.77
CA SER E 25 -10.10 31.17 -17.25
C SER E 25 -11.48 30.56 -17.04
N GLY E 26 -12.22 31.11 -16.08
CA GLY E 26 -13.57 30.65 -15.81
C GLY E 26 -13.77 30.29 -14.35
N PHE E 27 -12.68 30.13 -13.62
CA PHE E 27 -12.74 29.75 -12.22
C PHE E 27 -11.77 30.65 -11.46
N SER E 28 -11.81 30.54 -10.13
CA SER E 28 -10.89 31.28 -9.28
C SER E 28 -9.50 30.66 -9.38
N PHE E 29 -8.60 31.32 -10.10
CA PHE E 29 -7.35 30.67 -10.49
C PHE E 29 -6.36 30.54 -9.33
N SER E 30 -6.25 31.56 -8.47
CA SER E 30 -5.18 31.60 -7.48
C SER E 30 -5.55 30.86 -6.19
N THR E 31 -6.62 30.06 -6.22
CA THR E 31 -6.96 29.23 -5.07
C THR E 31 -6.95 27.74 -5.40
N TYR E 32 -6.24 27.33 -6.45
CA TYR E 32 -6.17 25.92 -6.84
C TYR E 32 -4.78 25.61 -7.37
N ALA E 33 -4.33 24.38 -7.12
CA ALA E 33 -3.05 23.90 -7.63
C ALA E 33 -3.25 23.23 -8.99
N MET E 34 -2.18 23.15 -9.77
CA MET E 34 -2.25 22.63 -11.12
C MET E 34 -1.00 21.80 -11.42
N SER E 35 -1.09 21.00 -12.48
CA SER E 35 -0.04 20.05 -12.80
C SER E 35 -0.05 19.76 -14.29
N TRP E 36 1.07 19.23 -14.78
CA TRP E 36 1.19 18.78 -16.16
C TRP E 36 1.28 17.27 -16.18
N ILE E 37 0.54 16.65 -17.09
CA ILE E 37 0.50 15.19 -17.21
C ILE E 37 0.77 14.84 -18.66
N ARG E 38 1.82 14.07 -18.91
CA ARG E 38 2.20 13.73 -20.27
C ARG E 38 1.83 12.30 -20.61
N GLN E 39 1.75 12.02 -21.90
CA GLN E 39 1.35 10.71 -22.40
C GLN E 39 2.23 10.34 -23.58
N THR E 40 3.16 9.41 -23.36
CA THR E 40 3.94 8.82 -24.44
C THR E 40 3.02 8.03 -25.37
N PRO E 41 3.37 7.89 -26.65
CA PRO E 41 2.47 7.19 -27.60
C PRO E 41 2.33 5.68 -27.40
N GLU E 42 2.85 5.11 -26.31
CA GLU E 42 2.40 3.80 -25.85
C GLU E 42 1.18 3.90 -24.94
N LYS E 43 0.58 5.09 -24.84
CA LYS E 43 -0.66 5.37 -24.10
C LYS E 43 -0.54 5.01 -22.62
N SER E 44 0.64 5.24 -22.05
CA SER E 44 0.87 5.07 -20.63
C SER E 44 1.16 6.44 -20.03
N LEU E 45 0.19 6.97 -19.30
CA LEU E 45 0.28 8.31 -18.75
C LEU E 45 1.35 8.40 -17.68
N GLU E 46 1.81 9.63 -17.41
CA GLU E 46 2.97 9.82 -16.53
C GLU E 46 2.94 11.24 -15.99
N TRP E 47 3.05 11.37 -14.67
CA TRP E 47 3.16 12.68 -14.04
C TRP E 47 4.52 13.28 -14.35
N VAL E 48 4.53 14.55 -14.76
CA VAL E 48 5.77 15.18 -15.18
C VAL E 48 6.05 16.52 -14.49
N ALA E 49 5.05 17.21 -13.96
CA ALA E 49 5.28 18.49 -13.31
C ALA E 49 4.12 18.79 -12.37
N ALA E 50 4.44 19.43 -11.25
CA ALA E 50 3.41 19.73 -10.27
C ALA E 50 3.80 20.98 -9.49
N ILE E 51 2.86 21.93 -9.42
CA ILE E 51 3.03 23.14 -8.64
C ILE E 51 1.89 23.23 -7.65
N SER E 52 2.14 23.92 -6.53
CA SER E 52 1.14 24.12 -5.50
C SER E 52 0.17 25.24 -5.91
N SER E 53 -0.71 25.62 -4.99
CA SER E 53 -1.68 26.66 -5.31
C SER E 53 -1.04 28.04 -5.31
N GLY E 54 -0.33 28.38 -4.24
CA GLY E 54 0.31 29.67 -4.14
C GLY E 54 1.48 29.82 -5.08
N GLY E 55 2.44 28.91 -4.97
CA GLY E 55 3.61 28.96 -5.83
C GLY E 55 4.89 28.70 -5.07
N THR E 56 4.77 28.35 -3.80
CA THR E 56 5.94 28.14 -2.98
C THR E 56 6.41 26.68 -2.98
N ASN E 57 5.62 25.76 -3.52
CA ASN E 57 5.99 24.36 -3.56
C ASN E 57 5.95 23.88 -5.00
N THR E 58 7.10 23.48 -5.53
CA THR E 58 7.22 22.97 -6.88
C THR E 58 7.77 21.56 -6.83
N TYR E 59 7.21 20.66 -7.65
CA TYR E 59 7.54 19.24 -7.59
C TYR E 59 7.78 18.70 -8.99
N TYR E 60 8.84 17.91 -9.13
CA TYR E 60 9.25 17.22 -10.35
C TYR E 60 9.69 15.81 -10.03
N PRO E 61 9.50 14.86 -10.93
CA PRO E 61 9.99 13.50 -10.69
C PRO E 61 11.50 13.43 -10.90
N GLY E 62 12.05 12.23 -10.66
CA GLY E 62 13.48 12.05 -10.61
C GLY E 62 14.16 12.06 -11.97
N SER E 63 13.38 11.99 -13.05
CA SER E 63 13.98 11.92 -14.38
C SER E 63 14.16 13.31 -14.98
N VAL E 64 13.20 14.21 -14.79
CA VAL E 64 13.20 15.49 -15.48
C VAL E 64 13.55 16.64 -14.54
N LYS E 65 13.94 16.36 -13.31
CA LYS E 65 14.32 17.42 -12.39
C LYS E 65 15.66 18.01 -12.83
N GLY E 66 15.62 19.26 -13.25
CA GLY E 66 16.77 19.89 -13.87
C GLY E 66 16.64 20.11 -15.35
N ARG E 67 15.51 19.78 -15.94
CA ARG E 67 15.25 20.06 -17.34
C ARG E 67 13.95 20.80 -17.55
N PHE E 68 12.98 20.64 -16.66
CA PHE E 68 11.67 21.27 -16.76
C PHE E 68 11.48 22.22 -15.60
N THR E 69 11.25 23.49 -15.89
CA THR E 69 10.95 24.49 -14.86
C THR E 69 9.52 24.97 -15.06
N ILE E 70 8.66 24.66 -14.10
CA ILE E 70 7.27 25.08 -14.16
C ILE E 70 7.18 26.56 -13.79
N SER E 71 6.07 27.18 -14.18
CA SER E 71 5.84 28.59 -13.89
C SER E 71 4.36 28.79 -13.61
N ARG E 72 4.05 29.94 -13.02
CA ARG E 72 2.68 30.30 -12.70
C ARG E 72 2.57 31.81 -12.63
N ASP E 73 1.57 32.37 -13.29
CA ASP E 73 1.30 33.80 -13.26
C ASP E 73 -0.21 33.99 -13.15
N LYS E 74 -0.65 34.59 -12.04
CA LYS E 74 -2.07 34.83 -11.82
C LYS E 74 -2.54 36.14 -12.42
N ALA E 75 -1.64 36.93 -12.99
CA ALA E 75 -2.04 38.19 -13.60
C ALA E 75 -2.79 37.96 -14.91
N MET E 76 -2.18 37.23 -15.84
CA MET E 76 -2.84 36.88 -17.08
C MET E 76 -3.65 35.59 -16.99
N ASN E 77 -3.56 34.88 -15.86
CA ASN E 77 -4.21 33.59 -15.63
C ASN E 77 -3.80 32.56 -16.68
N THR E 78 -2.51 32.26 -16.69
CA THR E 78 -1.91 31.35 -17.65
C THR E 78 -1.13 30.29 -16.86
N LEU E 79 -0.37 29.45 -17.55
CA LEU E 79 0.51 28.50 -16.89
C LEU E 79 1.63 28.18 -17.88
N TYR E 80 2.88 28.26 -17.44
CA TYR E 80 4.00 28.01 -18.33
C TYR E 80 4.82 26.82 -17.87
N LEU E 81 5.20 25.98 -18.84
CA LEU E 81 6.09 24.85 -18.60
C LEU E 81 7.30 25.02 -19.52
N GLN E 82 8.43 25.41 -18.94
CA GLN E 82 9.62 25.77 -19.69
C GLN E 82 10.45 24.52 -19.94
N LEU E 83 10.33 23.95 -21.14
CA LEU E 83 11.10 22.77 -21.50
C LEU E 83 12.52 23.18 -21.87
N SER E 84 13.49 22.31 -21.58
CA SER E 84 14.88 22.61 -21.90
C SER E 84 15.67 21.32 -22.01
N SER E 85 16.50 21.27 -23.06
CA SER E 85 17.47 20.20 -23.31
C SER E 85 16.80 18.83 -23.40
N LEU E 86 15.96 18.69 -24.41
CA LEU E 86 15.04 17.55 -24.48
C LEU E 86 15.76 16.30 -24.97
N ARG E 87 15.50 15.18 -24.31
CA ARG E 87 15.98 13.88 -24.77
C ARG E 87 15.03 13.31 -25.82
N SER E 88 15.21 12.03 -26.13
CA SER E 88 14.33 11.33 -27.06
C SER E 88 13.09 10.76 -26.37
N GLU E 89 12.91 11.01 -25.08
CA GLU E 89 11.82 10.45 -24.31
C GLU E 89 10.68 11.46 -24.13
N ASP E 90 10.87 12.71 -24.54
CA ASP E 90 9.89 13.75 -24.32
C ASP E 90 8.94 13.94 -25.49
N THR E 91 8.90 13.00 -26.43
CA THR E 91 7.89 13.03 -27.49
C THR E 91 6.58 12.45 -26.96
N ALA E 92 5.60 13.33 -26.70
CA ALA E 92 4.42 12.92 -25.97
C ALA E 92 3.28 13.90 -26.25
N MET E 93 2.14 13.62 -25.62
CA MET E 93 0.97 14.50 -25.63
C MET E 93 0.85 15.10 -24.24
N TYR E 94 1.02 16.42 -24.14
CA TYR E 94 1.12 17.11 -22.86
C TYR E 94 -0.23 17.73 -22.52
N TYR E 95 -0.68 17.53 -21.28
CA TYR E 95 -1.99 17.95 -20.84
C TYR E 95 -1.91 18.97 -19.72
N CYS E 96 -2.93 19.83 -19.63
CA CYS E 96 -3.04 20.81 -18.56
C CYS E 96 -4.15 20.37 -17.61
N VAL E 97 -3.87 20.40 -16.31
CA VAL E 97 -4.67 19.72 -15.30
C VAL E 97 -4.93 20.67 -14.13
N ARG E 98 -6.19 20.77 -13.70
CA ARG E 98 -6.57 21.55 -12.52
C ARG E 98 -6.92 20.61 -11.37
N HIS E 99 -6.37 20.89 -10.19
CA HIS E 99 -6.67 20.09 -9.01
C HIS E 99 -7.90 20.65 -8.29
N SER E 100 -8.33 19.91 -7.26
CA SER E 100 -9.51 20.27 -6.50
C SER E 100 -9.21 20.96 -5.18
N GLY E 101 -8.17 20.52 -4.48
CA GLY E 101 -7.80 21.10 -3.21
C GLY E 101 -6.83 22.25 -3.38
N ASN E 102 -6.40 22.80 -2.25
CA ASN E 102 -5.41 23.86 -2.24
C ASN E 102 -3.98 23.33 -2.23
N TYR E 103 -3.82 22.02 -2.44
CA TYR E 103 -2.51 21.39 -2.55
C TYR E 103 -2.61 20.34 -3.65
N VAL E 104 -1.50 19.68 -3.94
CA VAL E 104 -1.44 18.74 -5.06
C VAL E 104 -2.01 17.39 -4.66
N ASP E 105 -2.40 17.23 -3.40
CA ASP E 105 -2.80 15.92 -2.90
C ASP E 105 -4.16 15.49 -3.44
N SER E 106 -4.99 16.43 -3.83
CA SER E 106 -6.36 16.07 -4.16
C SER E 106 -6.46 15.52 -5.58
N VAL E 107 -7.68 15.18 -5.97
CA VAL E 107 -7.96 14.49 -7.23
C VAL E 107 -7.90 15.52 -8.34
N MET E 108 -7.70 15.06 -9.58
CA MET E 108 -7.58 15.93 -10.74
C MET E 108 -8.95 16.01 -11.41
N ASP E 109 -9.58 17.19 -11.32
CA ASP E 109 -10.95 17.31 -11.79
C ASP E 109 -11.03 17.56 -13.29
N TYR E 110 -10.50 18.69 -13.76
CA TYR E 110 -10.68 19.10 -15.14
C TYR E 110 -9.35 19.08 -15.86
N TRP E 111 -9.37 18.64 -17.10
CA TRP E 111 -8.15 18.47 -17.89
C TRP E 111 -8.21 19.41 -19.09
N GLY E 112 -7.07 19.58 -19.75
CA GLY E 112 -7.03 20.34 -20.98
C GLY E 112 -7.47 19.53 -22.17
N GLN E 113 -7.07 19.98 -23.35
CA GLN E 113 -7.39 19.25 -24.56
C GLN E 113 -6.19 18.45 -25.07
N GLY E 114 -5.00 19.04 -25.01
CA GLY E 114 -3.80 18.31 -25.35
C GLY E 114 -3.02 18.99 -26.46
N THR E 115 -1.70 19.04 -26.28
CA THR E 115 -0.80 19.61 -27.26
C THR E 115 0.24 18.58 -27.65
N SER E 116 0.69 18.65 -28.89
CA SER E 116 1.62 17.69 -29.45
C SER E 116 3.02 18.27 -29.42
N VAL E 117 3.95 17.52 -28.84
CA VAL E 117 5.36 17.83 -28.86
C VAL E 117 6.10 16.58 -29.30
N THR E 118 7.11 16.74 -30.14
CA THR E 118 7.92 15.63 -30.60
C THR E 118 9.37 16.07 -30.71
N VAL E 119 10.28 15.11 -30.61
CA VAL E 119 11.71 15.38 -30.67
C VAL E 119 12.27 14.74 -31.93
N SER E 120 12.33 15.49 -33.03
CA SER E 120 12.71 14.90 -34.30
C SER E 120 13.36 15.95 -35.19
N SER E 121 14.69 15.91 -35.21
CA SER E 121 15.55 16.67 -36.12
C SER E 121 15.33 18.19 -36.12
#